data_2AH2
#
_entry.id   2AH2
#
_cell.length_a   54.149
_cell.length_b   128.690
_cell.length_c   54.298
_cell.angle_alpha   90.00
_cell.angle_beta   108.74
_cell.angle_gamma   90.00
#
_symmetry.space_group_name_H-M   'P 1 21 1'
#
loop_
_entity.id
_entity.type
_entity.pdbx_description
1 polymer trans-sialidase
2 non-polymer 'CHLORIDE ION'
3 non-polymer '5-acetamido-3,5-dideoxy-3-fluoro-D-erythro-alpha-L-manno-non-2-ulopyranosonic acid'
4 non-polymer GLYCEROL
5 non-polymer 'ISOPROPYL ALCOHOL'
6 water water
#
_entity_poly.entity_id   1
_entity_poly.type   'polypeptide(L)'
_entity_poly.pdbx_seq_one_letter_code
;MGGSHHHHHHGMASLAPGSSRVELFKRQSSKVPFEKDGKVTERVVHSFRLPALVNVDGVMVAIADARYETSFDNSLIDTV
AKYSVDDGETWETQIAIKNSRASSVSRVVDPTVIVKGNKLYVLVGSYNSSRSYWTSHGDARDWDILLAVGEVTKSTAGGK
ITASIKWGSPVSLKEFFPAEMEGMHTNQFLGGAGVAIVASNGNLVYPVQVTNKKKQVFSKIFYSEDEGKTWKFGKGRSAF
GCSEPVALEWEGKLIINTRVDYRRRLVYESSDMGNTWLEAVGTLSRVWGPSPKSNQPGSQSSFTAVTIEGMRVMLFTHPL
NFKGRWLRDRLNLWLTDNQRIYNVGQVSIGDENSAYSSVLYKDDKLYCLHEINSNEVYSLVFARLVGELRIIKSVLQSWK
NWDSHLSSICTPADPAASSSERGCGPAVTTVGLVGFLSHSATKTEWEDAYRCVNASTANAERVPNGLKFAGVGGGALWPV
SQQGQNQRYHFANHAFTLVASVTIHEVPKGASPLLGASLDSSGGKKLLGLSYDKRHQWQPIYGSTPVTPTGSWEMGKRYH
VVLTMANKIGSVYIDGEPLEGSGQTVVPDERTPDISHFYVGGYKRSGMPTDSRVTVNNVLLYNRQLNAEEIRTLFLSQDL
IGTEAHMD
;
_entity_poly.pdbx_strand_id   A
#
loop_
_chem_comp.id
_chem_comp.type
_chem_comp.name
_chem_comp.formula
CL non-polymer 'CHLORIDE ION' 'Cl -1'
FSI D-saccharide, beta linking '5-acetamido-3,5-dideoxy-3-fluoro-D-erythro-alpha-L-manno-non-2-ulopyranosonic acid' 'C11 H18 F N O9'
GOL non-polymer GLYCEROL 'C3 H8 O3'
IPA non-polymer 'ISOPROPYL ALCOHOL' 'C3 H8 O'
#
# COMPACT_ATOMS: atom_id res chain seq x y z
N LEU A 15 19.12 -0.51 0.61
CA LEU A 15 19.11 -1.78 -0.18
C LEU A 15 19.51 -2.86 0.85
N ALA A 16 18.75 -3.98 0.94
CA ALA A 16 18.93 -4.99 1.96
C ALA A 16 20.26 -5.72 1.85
N PRO A 17 20.68 -6.37 2.93
CA PRO A 17 21.89 -7.23 2.89
C PRO A 17 21.68 -8.35 1.94
N GLY A 18 22.66 -8.57 1.08
CA GLY A 18 22.57 -9.59 0.08
C GLY A 18 22.16 -9.06 -1.25
N SER A 19 21.57 -7.87 -1.27
CA SER A 19 21.12 -7.27 -2.52
C SER A 19 22.22 -6.40 -3.13
N SER A 20 22.07 -6.12 -4.42
CA SER A 20 23.08 -5.36 -5.13
C SER A 20 22.45 -4.70 -6.33
N ARG A 21 23.17 -3.74 -6.91
CA ARG A 21 22.68 -3.01 -8.07
C ARG A 21 23.75 -2.53 -9.01
N VAL A 22 23.30 -2.18 -10.21
CA VAL A 22 24.08 -1.48 -11.18
C VAL A 22 23.34 -0.24 -11.68
N GLU A 23 24.09 0.74 -12.16
N GLU A 23 24.08 0.70 -12.25
CA GLU A 23 23.52 1.85 -12.91
CA GLU A 23 23.50 1.88 -12.89
C GLU A 23 23.30 1.30 -14.31
C GLU A 23 23.24 1.54 -14.36
N LEU A 24 22.03 1.01 -14.63
CA LEU A 24 21.69 0.43 -15.93
C LEU A 24 21.47 1.48 -17.05
N PHE A 25 20.65 2.49 -16.76
CA PHE A 25 20.45 3.59 -17.66
C PHE A 25 21.22 4.75 -17.04
N LYS A 26 22.43 5.01 -17.56
N LYS A 26 22.39 5.05 -17.63
CA LYS A 26 23.36 5.93 -16.91
CA LYS A 26 23.42 5.88 -17.00
C LYS A 26 23.22 7.29 -17.52
C LYS A 26 23.32 7.31 -17.52
N ARG A 27 22.86 8.25 -16.68
CA ARG A 27 22.71 9.62 -17.07
C ARG A 27 24.02 10.12 -17.67
N GLN A 28 23.86 10.92 -18.71
CA GLN A 28 24.98 11.58 -19.41
C GLN A 28 26.09 10.63 -19.92
N SER A 29 25.68 9.40 -20.21
CA SER A 29 26.61 8.36 -20.56
C SER A 29 26.01 7.35 -21.49
N SER A 30 24.93 6.70 -21.09
CA SER A 30 24.31 5.70 -21.94
C SER A 30 23.80 6.35 -23.22
N LYS A 31 24.00 5.65 -24.34
CA LYS A 31 23.57 6.11 -25.63
C LYS A 31 22.37 5.27 -26.08
N VAL A 32 21.55 5.89 -26.89
CA VAL A 32 20.42 5.23 -27.56
C VAL A 32 20.41 5.58 -29.06
N PRO A 33 19.81 4.72 -29.89
CA PRO A 33 19.75 4.96 -31.34
C PRO A 33 18.70 6.03 -31.70
N PHE A 34 19.15 7.28 -31.76
CA PHE A 34 18.31 8.39 -32.07
C PHE A 34 18.07 8.49 -33.59
N GLU A 35 16.79 8.39 -34.00
CA GLU A 35 16.44 8.43 -35.42
C GLU A 35 15.85 9.78 -35.78
N LYS A 36 16.36 10.42 -36.82
CA LYS A 36 15.72 11.60 -37.32
C LYS A 36 16.01 11.75 -38.80
N ASP A 37 14.97 12.05 -39.57
CA ASP A 37 15.09 12.24 -41.02
C ASP A 37 15.81 11.05 -41.67
N GLY A 38 15.48 9.86 -41.17
CA GLY A 38 16.02 8.63 -41.73
C GLY A 38 17.45 8.30 -41.37
N LYS A 39 18.10 9.09 -40.53
CA LYS A 39 19.45 8.82 -40.10
C LYS A 39 19.32 8.36 -38.65
N VAL A 40 20.05 7.33 -38.26
CA VAL A 40 20.16 6.91 -36.86
C VAL A 40 21.56 7.19 -36.37
N THR A 41 21.63 7.80 -35.20
CA THR A 41 22.87 8.13 -34.55
C THR A 41 22.82 7.71 -33.06
N GLU A 42 23.88 7.09 -32.57
CA GLU A 42 24.02 6.77 -31.15
C GLU A 42 24.19 8.03 -30.36
N ARG A 43 23.21 8.36 -29.55
CA ARG A 43 23.17 9.68 -28.91
C ARG A 43 23.13 9.52 -27.42
N VAL A 44 23.99 10.25 -26.72
CA VAL A 44 24.04 10.26 -25.24
C VAL A 44 22.79 10.94 -24.70
N VAL A 45 22.23 10.39 -23.64
CA VAL A 45 21.00 10.86 -23.04
C VAL A 45 21.31 11.54 -21.69
N HIS A 46 20.73 12.72 -21.46
CA HIS A 46 20.96 13.43 -20.21
C HIS A 46 20.41 12.67 -19.02
N SER A 47 19.15 12.35 -19.10
CA SER A 47 18.40 11.72 -18.00
C SER A 47 17.47 10.62 -18.46
N PHE A 48 17.38 9.59 -17.61
CA PHE A 48 16.45 8.48 -17.78
C PHE A 48 15.49 8.48 -16.59
N ARG A 49 14.20 8.46 -16.92
CA ARG A 49 13.14 8.53 -15.93
C ARG A 49 12.04 7.51 -16.27
N LEU A 50 11.06 7.42 -15.40
CA LEU A 50 9.84 6.70 -15.75
C LEU A 50 10.07 5.18 -15.94
N PRO A 51 10.70 4.54 -14.98
CA PRO A 51 11.00 3.11 -15.09
C PRO A 51 9.74 2.26 -15.14
N ALA A 52 9.79 1.24 -16.00
CA ALA A 52 8.79 0.16 -16.05
C ALA A 52 9.56 -1.11 -16.36
N LEU A 53 9.49 -2.10 -15.46
CA LEU A 53 10.26 -3.33 -15.59
C LEU A 53 9.34 -4.54 -15.61
N VAL A 54 9.40 -5.30 -16.70
CA VAL A 54 8.45 -6.39 -16.92
C VAL A 54 9.16 -7.66 -17.42
N ASN A 55 8.40 -8.75 -17.34
CA ASN A 55 8.80 -10.02 -17.93
C ASN A 55 7.88 -10.33 -19.07
N VAL A 56 8.43 -10.47 -20.28
CA VAL A 56 7.65 -10.89 -21.43
C VAL A 56 8.09 -12.29 -21.83
N ASP A 57 7.38 -13.28 -21.26
CA ASP A 57 7.57 -14.68 -21.65
C ASP A 57 9.03 -15.09 -21.53
N GLY A 58 9.71 -14.54 -20.51
CA GLY A 58 11.05 -14.91 -20.21
C GLY A 58 12.13 -13.90 -20.54
N VAL A 59 11.76 -12.86 -21.29
CA VAL A 59 12.65 -11.77 -21.64
C VAL A 59 12.33 -10.58 -20.73
N MET A 60 13.33 -10.15 -19.99
CA MET A 60 13.19 -9.02 -19.07
C MET A 60 13.26 -7.74 -19.95
N VAL A 61 12.31 -6.83 -19.77
CA VAL A 61 12.30 -5.60 -20.55
C VAL A 61 12.16 -4.42 -19.63
N ALA A 62 13.04 -3.43 -19.81
CA ALA A 62 13.03 -2.20 -19.06
C ALA A 62 12.69 -1.06 -20.02
N ILE A 63 11.60 -0.37 -19.72
N ILE A 63 11.58 -0.39 -19.76
CA ILE A 63 11.10 0.72 -20.51
CA ILE A 63 11.18 0.75 -20.55
C ILE A 63 11.22 2.01 -19.67
C ILE A 63 11.27 2.00 -19.68
N ALA A 64 11.55 3.11 -20.33
CA ALA A 64 11.78 4.36 -19.67
C ALA A 64 11.67 5.53 -20.61
N ASP A 65 11.64 6.72 -20.04
CA ASP A 65 11.93 7.94 -20.79
C ASP A 65 13.41 8.10 -21.03
N ALA A 66 13.79 8.46 -22.25
CA ALA A 66 15.11 8.95 -22.64
C ALA A 66 14.94 10.43 -22.86
N ARG A 67 15.33 11.18 -21.82
CA ARG A 67 15.27 12.65 -21.84
C ARG A 67 16.63 13.16 -22.33
N TYR A 68 16.67 13.42 -23.62
CA TYR A 68 17.93 13.63 -24.32
C TYR A 68 18.75 14.77 -23.79
N GLU A 69 18.09 15.89 -23.56
CA GLU A 69 18.77 17.19 -23.34
C GLU A 69 18.76 17.73 -21.90
N THR A 70 17.75 17.34 -21.13
CA THR A 70 17.51 17.85 -19.81
C THR A 70 16.52 16.96 -19.15
N SER A 71 16.46 16.99 -17.82
CA SER A 71 15.39 16.25 -17.11
C SER A 71 14.09 16.95 -17.08
N PHE A 72 14.08 18.20 -17.52
N PHE A 72 13.99 18.19 -17.52
CA PHE A 72 12.85 19.00 -17.52
CA PHE A 72 12.71 18.90 -17.39
C PHE A 72 11.79 18.18 -18.23
C PHE A 72 11.57 18.12 -18.08
N ASP A 73 10.60 18.19 -17.64
N ASP A 73 10.39 18.01 -17.45
CA ASP A 73 9.53 17.25 -18.07
CA ASP A 73 9.33 17.16 -18.03
C ASP A 73 9.16 17.56 -19.50
C ASP A 73 8.96 17.56 -19.47
N ASN A 74 9.12 18.84 -19.81
CA ASN A 74 8.60 19.32 -21.09
C ASN A 74 9.76 19.64 -22.04
N SER A 75 10.44 18.58 -22.45
CA SER A 75 11.67 18.64 -23.27
C SER A 75 11.68 17.40 -24.24
N LEU A 76 12.74 17.21 -25.02
CA LEU A 76 12.80 16.17 -26.07
C LEU A 76 12.95 14.78 -25.43
N ILE A 77 11.98 13.91 -25.67
CA ILE A 77 11.94 12.60 -25.01
C ILE A 77 11.45 11.57 -25.97
N ASP A 78 12.18 10.46 -26.05
CA ASP A 78 11.72 9.24 -26.75
C ASP A 78 11.59 8.14 -25.68
N THR A 79 10.80 7.11 -25.94
CA THR A 79 10.69 5.96 -25.01
C THR A 79 11.74 4.95 -25.39
N VAL A 80 12.64 4.64 -24.47
CA VAL A 80 13.71 3.65 -24.65
C VAL A 80 13.30 2.32 -24.04
N ALA A 81 13.80 1.22 -24.63
CA ALA A 81 13.73 -0.11 -24.09
C ALA A 81 15.11 -0.72 -24.05
N LYS A 82 15.36 -1.41 -22.96
CA LYS A 82 16.50 -2.36 -22.88
C LYS A 82 15.91 -3.71 -22.58
N TYR A 83 16.48 -4.75 -23.14
CA TYR A 83 15.95 -6.08 -22.90
C TYR A 83 17.06 -7.09 -22.67
N SER A 84 16.77 -8.07 -21.84
CA SER A 84 17.78 -9.08 -21.47
C SER A 84 17.19 -10.50 -21.49
N VAL A 85 17.94 -11.45 -22.03
CA VAL A 85 17.59 -12.84 -21.92
C VAL A 85 18.34 -13.60 -20.84
N ASP A 86 19.18 -12.92 -20.07
CA ASP A 86 19.96 -13.55 -19.03
C ASP A 86 19.76 -12.93 -17.66
N ASP A 87 18.51 -12.54 -17.40
CA ASP A 87 18.13 -11.90 -16.15
C ASP A 87 19.01 -10.74 -15.76
N GLY A 88 19.37 -9.95 -16.74
CA GLY A 88 19.87 -8.62 -16.49
C GLY A 88 21.35 -8.56 -16.38
N GLU A 89 22.02 -9.63 -16.78
CA GLU A 89 23.45 -9.59 -16.87
C GLU A 89 23.86 -8.82 -18.09
N THR A 90 23.21 -9.04 -19.22
CA THR A 90 23.46 -8.20 -20.38
C THR A 90 22.17 -7.74 -21.01
N TRP A 91 22.25 -6.60 -21.67
CA TRP A 91 21.11 -5.95 -22.29
C TRP A 91 21.37 -5.42 -23.68
N GLU A 92 20.35 -5.45 -24.51
CA GLU A 92 20.30 -4.76 -25.78
C GLU A 92 19.43 -3.51 -25.60
N THR A 93 19.62 -2.52 -26.47
CA THR A 93 19.00 -1.21 -26.31
C THR A 93 18.37 -0.82 -27.62
N GLN A 94 17.19 -0.26 -27.50
CA GLN A 94 16.49 0.30 -28.64
C GLN A 94 15.62 1.50 -28.24
N ILE A 95 15.08 2.19 -29.23
CA ILE A 95 14.01 3.17 -29.00
C ILE A 95 12.73 2.47 -29.36
N ALA A 96 11.83 2.38 -28.41
CA ALA A 96 10.53 1.71 -28.62
C ALA A 96 9.56 2.65 -29.31
N ILE A 97 9.59 3.94 -28.91
CA ILE A 97 8.63 4.92 -29.45
C ILE A 97 9.37 6.24 -29.64
N LYS A 98 9.29 6.75 -30.86
CA LYS A 98 9.88 8.04 -31.14
C LYS A 98 8.79 9.10 -31.11
N ASN A 99 9.17 10.27 -30.62
CA ASN A 99 8.26 11.43 -30.63
C ASN A 99 8.08 11.97 -32.04
N SER A 100 7.22 12.97 -32.16
CA SER A 100 6.79 13.49 -33.47
C SER A 100 7.85 14.23 -34.21
N ARG A 101 8.91 14.66 -33.52
CA ARG A 101 9.97 15.43 -34.10
C ARG A 101 9.50 16.82 -34.59
N ALA A 102 8.35 17.30 -34.06
CA ALA A 102 7.75 18.57 -34.52
C ALA A 102 8.56 19.77 -34.08
N SER A 103 9.17 19.68 -32.90
CA SER A 103 9.95 20.78 -32.37
C SER A 103 11.04 20.24 -31.51
N SER A 104 11.83 21.15 -30.94
CA SER A 104 12.92 20.78 -30.03
C SER A 104 12.49 20.19 -28.70
N VAL A 105 11.19 20.26 -28.40
CA VAL A 105 10.67 19.71 -27.17
C VAL A 105 9.61 18.67 -27.39
N SER A 106 9.47 18.16 -28.60
CA SER A 106 8.46 17.10 -28.80
C SER A 106 8.82 15.90 -27.93
N ARG A 107 7.80 15.19 -27.49
CA ARG A 107 8.00 14.16 -26.52
C ARG A 107 6.89 13.19 -26.47
N VAL A 108 7.29 11.92 -26.24
CA VAL A 108 6.32 10.87 -25.85
C VAL A 108 6.63 10.63 -24.37
N VAL A 109 5.57 10.56 -23.57
CA VAL A 109 5.69 10.70 -22.13
C VAL A 109 4.97 9.65 -21.32
N ASP A 110 5.57 9.35 -20.18
CA ASP A 110 4.99 8.53 -19.11
C ASP A 110 4.54 7.17 -19.62
N PRO A 111 5.47 6.44 -20.23
CA PRO A 111 5.12 5.18 -20.84
C PRO A 111 4.56 4.24 -19.81
N THR A 112 3.40 3.65 -20.11
CA THR A 112 2.72 2.76 -19.19
C THR A 112 2.57 1.41 -19.90
N VAL A 113 3.01 0.34 -19.26
CA VAL A 113 3.21 -0.95 -19.97
C VAL A 113 2.26 -2.03 -19.52
N ILE A 114 1.68 -2.77 -20.46
CA ILE A 114 0.97 -4.02 -20.15
C ILE A 114 1.64 -5.11 -20.95
N VAL A 115 1.85 -6.23 -20.29
CA VAL A 115 2.31 -7.44 -21.00
C VAL A 115 1.18 -8.42 -21.19
N LYS A 116 1.00 -8.91 -22.42
CA LYS A 116 0.08 -9.98 -22.67
C LYS A 116 0.71 -10.94 -23.69
N GLY A 117 0.89 -12.20 -23.27
CA GLY A 117 1.61 -13.18 -24.06
C GLY A 117 3.03 -12.70 -24.35
N ASN A 118 3.36 -12.56 -25.63
CA ASN A 118 4.68 -12.05 -26.04
C ASN A 118 4.65 -10.59 -26.56
N LYS A 119 3.60 -9.84 -26.17
CA LYS A 119 3.42 -8.48 -26.62
C LYS A 119 3.51 -7.53 -25.42
N LEU A 120 4.16 -6.40 -25.67
CA LEU A 120 4.17 -5.21 -24.81
C LEU A 120 3.25 -4.17 -25.41
N TYR A 121 2.29 -3.70 -24.63
CA TYR A 121 1.44 -2.59 -25.01
C TYR A 121 1.92 -1.39 -24.19
N VAL A 122 2.35 -0.35 -24.88
CA VAL A 122 2.93 0.84 -24.24
C VAL A 122 2.08 2.05 -24.61
N LEU A 123 1.55 2.70 -23.58
CA LEU A 123 0.67 3.83 -23.70
C LEU A 123 1.47 5.07 -23.32
N VAL A 124 1.57 6.05 -24.21
CA VAL A 124 2.29 7.29 -23.95
C VAL A 124 1.45 8.50 -24.35
N GLY A 125 1.56 9.60 -23.60
CA GLY A 125 1.13 10.87 -24.11
C GLY A 125 2.10 11.35 -25.17
N SER A 126 1.64 12.26 -26.02
CA SER A 126 2.49 12.87 -27.02
C SER A 126 2.22 14.36 -27.04
N TYR A 127 3.28 15.16 -26.96
CA TYR A 127 3.23 16.62 -27.02
C TYR A 127 4.17 17.11 -28.11
N ASN A 128 3.74 18.12 -28.87
CA ASN A 128 4.51 18.59 -30.01
C ASN A 128 5.46 19.73 -29.64
N SER A 129 4.91 20.75 -28.96
CA SER A 129 5.68 21.95 -28.68
C SER A 129 5.45 22.65 -27.35
N SER A 130 4.57 22.16 -26.49
CA SER A 130 4.29 22.88 -25.26
C SER A 130 5.51 22.89 -24.34
N ARG A 131 5.72 23.95 -23.57
CA ARG A 131 6.73 23.94 -22.54
C ARG A 131 6.11 23.98 -21.15
N SER A 132 4.78 23.83 -21.09
CA SER A 132 4.06 23.91 -19.82
C SER A 132 3.60 22.53 -19.32
N TYR A 133 3.48 22.43 -18.01
N TYR A 133 3.56 22.37 -18.02
CA TYR A 133 3.00 21.23 -17.32
CA TYR A 133 3.15 21.10 -17.44
C TYR A 133 1.62 20.82 -17.82
C TYR A 133 1.69 20.80 -17.81
N TRP A 134 1.40 19.52 -18.01
CA TRP A 134 0.19 19.08 -18.68
C TRP A 134 -1.12 19.55 -18.04
N THR A 135 -1.22 19.62 -16.72
CA THR A 135 -2.49 20.02 -16.15
C THR A 135 -2.71 21.51 -16.22
N SER A 136 -1.70 22.29 -16.58
CA SER A 136 -1.91 23.73 -16.75
C SER A 136 -2.51 24.10 -18.09
N HIS A 137 -2.56 23.15 -19.01
CA HIS A 137 -3.03 23.48 -20.37
C HIS A 137 -4.52 23.70 -20.27
N GLY A 138 -4.99 24.79 -20.89
CA GLY A 138 -6.41 25.04 -20.93
C GLY A 138 -7.16 24.21 -21.98
N ASP A 139 -6.44 23.62 -22.93
CA ASP A 139 -7.08 22.71 -23.90
C ASP A 139 -6.07 21.70 -24.40
N ALA A 140 -6.48 20.83 -25.33
CA ALA A 140 -5.70 19.71 -25.81
C ALA A 140 -5.01 20.00 -27.14
N ARG A 141 -4.75 21.29 -27.43
CA ARG A 141 -4.16 21.62 -28.73
C ARG A 141 -2.86 20.92 -29.03
N ASP A 142 -2.09 20.64 -28.00
CA ASP A 142 -0.73 20.08 -28.15
C ASP A 142 -0.64 18.57 -27.90
N TRP A 143 -1.77 17.93 -27.56
CA TRP A 143 -1.79 16.60 -26.93
C TRP A 143 -2.31 15.55 -27.85
N ASP A 144 -1.72 14.36 -27.77
CA ASP A 144 -2.34 13.12 -28.32
C ASP A 144 -2.01 12.02 -27.31
N ILE A 145 -2.62 10.87 -27.51
CA ILE A 145 -2.45 9.70 -26.64
C ILE A 145 -2.26 8.52 -27.58
N LEU A 146 -1.14 7.83 -27.43
CA LEU A 146 -0.70 6.85 -28.38
C LEU A 146 -0.47 5.48 -27.73
N LEU A 147 -0.73 4.44 -28.51
CA LEU A 147 -0.48 3.07 -28.14
C LEU A 147 0.49 2.48 -29.13
N ALA A 148 1.61 1.96 -28.63
CA ALA A 148 2.56 1.19 -29.45
C ALA A 148 2.64 -0.23 -28.93
N VAL A 149 2.79 -1.18 -29.85
CA VAL A 149 2.89 -2.59 -29.45
C VAL A 149 4.25 -3.15 -29.91
N GLY A 150 4.95 -3.74 -28.96
CA GLY A 150 6.20 -4.45 -29.23
C GLY A 150 5.99 -5.95 -29.12
N GLU A 151 6.58 -6.68 -30.06
CA GLU A 151 6.42 -8.11 -30.08
C GLU A 151 7.79 -8.71 -29.84
N VAL A 152 7.85 -9.57 -28.85
CA VAL A 152 9.11 -10.18 -28.44
C VAL A 152 9.21 -11.58 -29.05
N THR A 153 10.29 -11.81 -29.79
CA THR A 153 10.57 -13.12 -30.38
C THR A 153 11.87 -13.66 -29.80
N LYS A 154 11.88 -14.93 -29.37
CA LYS A 154 13.10 -15.59 -28.88
C LYS A 154 13.64 -16.51 -29.96
N SER A 155 14.97 -16.67 -29.93
CA SER A 155 15.68 -17.54 -30.89
C SER A 155 16.99 -18.02 -30.29
N THR A 156 17.89 -18.56 -31.13
CA THR A 156 19.17 -19.10 -30.62
C THR A 156 20.41 -18.95 -31.53
N ALA A 157 20.66 -17.75 -32.06
CA ALA A 157 21.93 -17.44 -32.79
C ALA A 157 23.24 -17.88 -32.11
N GLY A 158 24.11 -18.59 -32.84
CA GLY A 158 25.43 -18.99 -32.30
C GLY A 158 25.33 -19.98 -31.16
N GLY A 159 24.23 -20.73 -31.14
CA GLY A 159 23.96 -21.70 -30.08
C GLY A 159 23.51 -21.09 -28.76
N LYS A 160 23.26 -19.78 -28.76
CA LYS A 160 22.92 -19.07 -27.51
C LYS A 160 21.53 -18.49 -27.68
N ILE A 161 20.76 -18.40 -26.58
CA ILE A 161 19.42 -17.79 -26.61
C ILE A 161 19.51 -16.31 -26.92
N THR A 162 18.70 -15.87 -27.86
CA THR A 162 18.61 -14.46 -28.14
C THR A 162 17.17 -14.02 -28.21
N ALA A 163 16.98 -12.72 -28.17
CA ALA A 163 15.65 -12.16 -28.40
C ALA A 163 15.71 -10.95 -29.30
N SER A 164 14.58 -10.65 -29.91
CA SER A 164 14.40 -9.35 -30.54
C SER A 164 13.00 -8.82 -30.24
N ILE A 165 12.88 -7.51 -30.34
CA ILE A 165 11.65 -6.82 -30.11
C ILE A 165 11.41 -5.92 -31.28
N LYS A 166 10.28 -6.16 -31.95
CA LYS A 166 9.90 -5.36 -33.06
C LYS A 166 8.76 -4.48 -32.60
N TRP A 167 8.96 -3.19 -32.75
CA TRP A 167 7.97 -2.19 -32.35
C TRP A 167 7.13 -1.71 -33.53
N GLY A 168 5.81 -1.75 -33.36
CA GLY A 168 4.90 -1.17 -34.32
C GLY A 168 4.88 0.33 -34.26
N SER A 169 4.37 0.95 -35.32
CA SER A 169 4.19 2.37 -35.29
C SER A 169 3.03 2.71 -34.32
N PRO A 170 3.16 3.81 -33.62
CA PRO A 170 2.12 4.18 -32.64
C PRO A 170 0.83 4.59 -33.28
N VAL A 171 -0.27 4.23 -32.62
CA VAL A 171 -1.65 4.52 -33.04
C VAL A 171 -2.32 5.44 -32.03
N SER A 172 -2.97 6.49 -32.49
CA SER A 172 -3.68 7.40 -31.59
C SER A 172 -4.99 6.77 -31.10
N LEU A 173 -5.19 6.84 -29.78
CA LEU A 173 -6.41 6.40 -29.15
C LEU A 173 -7.36 7.58 -28.83
N LYS A 174 -7.07 8.73 -29.41
CA LYS A 174 -7.88 9.92 -29.14
C LYS A 174 -9.36 9.74 -29.49
N GLU A 175 -9.65 8.96 -30.51
CA GLU A 175 -11.06 8.73 -30.89
C GLU A 175 -11.86 8.08 -29.79
N PHE A 176 -11.18 7.46 -28.81
CA PHE A 176 -11.88 6.80 -27.71
C PHE A 176 -12.10 7.67 -26.47
N PHE A 177 -11.76 8.94 -26.58
CA PHE A 177 -11.83 9.88 -25.48
C PHE A 177 -13.10 10.72 -25.71
N PRO A 178 -14.14 10.52 -24.89
CA PRO A 178 -15.35 11.33 -25.09
C PRO A 178 -15.12 12.78 -24.74
N ALA A 179 -15.86 13.69 -25.40
CA ALA A 179 -15.78 15.13 -25.12
C ALA A 179 -16.31 15.52 -23.73
N GLU A 180 -17.23 14.72 -23.19
CA GLU A 180 -17.79 14.97 -21.89
C GLU A 180 -17.79 13.72 -21.05
N MET A 181 -17.62 13.94 -19.75
CA MET A 181 -17.85 12.95 -18.70
C MET A 181 -18.72 13.60 -17.63
N GLU A 182 -19.50 12.83 -16.89
CA GLU A 182 -20.58 13.44 -16.10
C GLU A 182 -20.10 14.66 -15.35
N GLY A 183 -20.78 15.77 -15.57
CA GLY A 183 -20.45 17.03 -14.93
C GLY A 183 -19.28 17.81 -15.52
N MET A 184 -18.75 17.41 -16.71
N MET A 184 -18.67 17.37 -16.64
CA MET A 184 -17.46 17.90 -17.14
CA MET A 184 -17.47 18.03 -17.13
C MET A 184 -17.09 17.80 -18.61
C MET A 184 -17.23 17.93 -18.62
N HIS A 185 -16.32 18.77 -19.06
CA HIS A 185 -15.73 18.72 -20.37
C HIS A 185 -14.30 18.21 -20.24
N THR A 186 -13.96 17.18 -21.01
CA THR A 186 -12.64 16.55 -20.88
C THR A 186 -11.59 17.34 -21.56
N ASN A 187 -10.33 17.16 -21.14
CA ASN A 187 -9.23 17.95 -21.70
C ASN A 187 -8.17 16.95 -22.20
N GLN A 188 -7.39 16.35 -21.30
CA GLN A 188 -6.35 15.38 -21.69
C GLN A 188 -6.42 14.12 -20.82
N PHE A 189 -5.70 13.07 -21.22
CA PHE A 189 -5.46 11.96 -20.27
C PHE A 189 -4.14 11.32 -20.61
N LEU A 190 -3.58 10.65 -19.60
CA LEU A 190 -2.30 9.97 -19.67
C LEU A 190 -2.37 8.67 -18.87
N GLY A 191 -1.47 7.72 -19.17
CA GLY A 191 -1.27 6.60 -18.26
C GLY A 191 -0.71 7.02 -16.89
N GLY A 192 -0.86 6.13 -15.92
CA GLY A 192 -0.29 6.31 -14.62
C GLY A 192 1.12 5.84 -14.42
N ALA A 193 1.82 5.57 -15.55
CA ALA A 193 3.21 5.18 -15.57
C ALA A 193 3.43 3.79 -15.02
N GLY A 194 4.63 3.28 -15.18
CA GLY A 194 4.93 1.97 -14.65
C GLY A 194 4.19 0.90 -15.42
N VAL A 195 3.63 -0.06 -14.68
CA VAL A 195 3.07 -1.29 -15.27
C VAL A 195 1.61 -1.47 -14.87
N ALA A 196 0.79 -1.65 -15.87
CA ALA A 196 -0.64 -1.92 -15.72
C ALA A 196 -0.90 -3.41 -15.96
N ILE A 197 -2.14 -3.80 -16.20
CA ILE A 197 -2.51 -5.20 -16.13
C ILE A 197 -3.37 -5.72 -17.24
N VAL A 198 -3.33 -7.05 -17.35
CA VAL A 198 -4.36 -7.83 -18.01
C VAL A 198 -5.25 -8.41 -16.91
N ALA A 199 -6.55 -8.09 -16.95
CA ALA A 199 -7.52 -8.61 -16.00
C ALA A 199 -7.81 -10.09 -16.28
N SER A 200 -8.53 -10.72 -15.34
CA SER A 200 -8.73 -12.16 -15.41
C SER A 200 -9.65 -12.53 -16.56
N ASN A 201 -10.37 -11.55 -17.08
CA ASN A 201 -11.20 -11.76 -18.29
C ASN A 201 -10.50 -11.44 -19.58
N GLY A 202 -9.20 -11.14 -19.49
CA GLY A 202 -8.38 -10.85 -20.60
C GLY A 202 -8.26 -9.35 -20.91
N ASN A 203 -9.09 -8.51 -20.27
CA ASN A 203 -9.07 -7.11 -20.68
C ASN A 203 -7.72 -6.50 -20.41
N LEU A 204 -7.22 -5.67 -21.34
CA LEU A 204 -6.13 -4.73 -21.05
C LEU A 204 -6.72 -3.63 -20.23
N VAL A 205 -6.13 -3.34 -19.08
CA VAL A 205 -6.62 -2.32 -18.15
C VAL A 205 -5.52 -1.34 -17.79
N TYR A 206 -5.72 -0.09 -18.21
CA TYR A 206 -4.89 1.03 -17.80
C TYR A 206 -5.72 1.90 -16.85
N PRO A 207 -5.24 2.10 -15.62
CA PRO A 207 -5.80 3.20 -14.82
C PRO A 207 -5.14 4.47 -15.39
N VAL A 208 -5.96 5.46 -15.67
CA VAL A 208 -5.46 6.70 -16.29
C VAL A 208 -5.81 7.91 -15.47
N GLN A 209 -4.98 8.95 -15.64
CA GLN A 209 -5.21 10.24 -15.04
C GLN A 209 -5.74 11.14 -16.16
N VAL A 210 -6.82 11.86 -15.83
CA VAL A 210 -7.62 12.68 -16.76
C VAL A 210 -7.74 14.09 -16.21
N THR A 211 -7.73 15.08 -17.12
CA THR A 211 -8.05 16.44 -16.76
C THR A 211 -9.32 16.87 -17.44
N ASN A 212 -10.01 17.83 -16.80
CA ASN A 212 -11.13 18.50 -17.42
C ASN A 212 -10.75 19.93 -17.76
N LYS A 213 -11.70 20.69 -18.31
CA LYS A 213 -11.43 22.06 -18.76
C LYS A 213 -11.25 23.05 -17.59
N LYS A 214 -11.63 22.63 -16.39
CA LYS A 214 -11.36 23.35 -15.16
C LYS A 214 -9.99 23.03 -14.55
N LYS A 215 -9.24 22.18 -15.26
CA LYS A 215 -7.89 21.80 -14.91
C LYS A 215 -7.82 20.94 -13.63
N GLN A 216 -8.94 20.32 -13.30
CA GLN A 216 -8.97 19.32 -12.26
C GLN A 216 -8.44 18.00 -12.83
N VAL A 217 -7.76 17.23 -11.96
CA VAL A 217 -7.29 15.90 -12.31
C VAL A 217 -8.10 14.83 -11.54
N PHE A 218 -8.31 13.68 -12.17
CA PHE A 218 -9.01 12.56 -11.57
C PHE A 218 -8.57 11.30 -12.30
N SER A 219 -8.86 10.17 -11.68
CA SER A 219 -8.51 8.85 -12.21
C SER A 219 -9.74 8.10 -12.76
N LYS A 220 -9.49 7.33 -13.82
CA LYS A 220 -10.48 6.52 -14.47
C LYS A 220 -9.84 5.17 -14.84
N ILE A 221 -10.69 4.23 -15.21
CA ILE A 221 -10.23 2.94 -15.76
C ILE A 221 -10.51 3.03 -17.28
N PHE A 222 -9.49 2.73 -18.07
CA PHE A 222 -9.47 2.78 -19.53
C PHE A 222 -9.09 1.39 -20.01
N TYR A 223 -10.00 0.70 -20.71
CA TYR A 223 -9.78 -0.72 -20.95
C TYR A 223 -10.15 -1.16 -22.33
N SER A 224 -9.62 -2.30 -22.72
CA SER A 224 -9.87 -2.90 -24.01
C SER A 224 -10.21 -4.37 -23.91
N GLU A 225 -11.27 -4.75 -24.61
CA GLU A 225 -11.76 -6.15 -24.65
C GLU A 225 -11.31 -6.90 -25.88
N ASP A 226 -10.58 -6.23 -26.79
CA ASP A 226 -10.26 -6.77 -28.11
C ASP A 226 -8.81 -6.52 -28.48
N GLU A 227 -7.94 -6.72 -27.49
CA GLU A 227 -6.50 -6.76 -27.71
C GLU A 227 -5.99 -5.41 -28.14
N GLY A 228 -6.68 -4.37 -27.69
CA GLY A 228 -6.18 -3.01 -27.94
C GLY A 228 -6.67 -2.29 -29.16
N LYS A 229 -7.56 -2.93 -29.90
CA LYS A 229 -8.14 -2.27 -31.06
C LYS A 229 -9.11 -1.12 -30.70
N THR A 230 -10.00 -1.37 -29.73
CA THR A 230 -10.88 -0.35 -29.22
C THR A 230 -10.82 -0.28 -27.70
N TRP A 231 -11.20 0.92 -27.19
CA TRP A 231 -11.06 1.22 -25.78
C TRP A 231 -12.32 1.88 -25.26
N LYS A 232 -12.57 1.62 -23.99
CA LYS A 232 -13.69 2.14 -23.23
C LYS A 232 -13.25 2.72 -21.92
N PHE A 233 -13.99 3.70 -21.42
CA PHE A 233 -13.83 4.19 -20.05
C PHE A 233 -14.87 3.60 -19.12
N GLY A 234 -14.45 3.15 -17.95
CA GLY A 234 -15.44 2.84 -16.94
C GLY A 234 -16.20 4.12 -16.58
N LYS A 235 -17.47 3.99 -16.22
CA LYS A 235 -18.31 5.18 -15.94
C LYS A 235 -17.94 5.97 -14.70
N GLY A 236 -17.34 5.33 -13.70
CA GLY A 236 -17.02 5.99 -12.45
C GLY A 236 -15.68 6.67 -12.42
N ARG A 237 -15.35 7.32 -11.30
CA ARG A 237 -14.05 7.96 -11.15
C ARG A 237 -13.66 8.12 -9.73
N SER A 238 -12.36 8.43 -9.49
CA SER A 238 -11.88 8.85 -8.21
C SER A 238 -12.42 10.25 -7.86
N ALA A 239 -12.09 10.68 -6.68
CA ALA A 239 -12.16 12.08 -6.26
C ALA A 239 -11.23 12.89 -7.13
N PHE A 240 -11.55 14.18 -7.27
CA PHE A 240 -10.61 15.11 -7.85
C PHE A 240 -9.36 15.18 -6.99
N GLY A 241 -8.26 15.37 -7.67
CA GLY A 241 -6.94 15.44 -7.04
C GLY A 241 -6.19 14.13 -7.04
N CYS A 242 -6.87 13.05 -7.39
CA CYS A 242 -6.24 11.72 -7.49
C CYS A 242 -5.63 11.55 -8.86
N SER A 243 -4.31 11.57 -8.91
CA SER A 243 -3.57 11.50 -10.17
C SER A 243 -2.79 10.18 -10.22
N GLU A 244 -2.10 10.04 -11.36
CA GLU A 244 -1.10 8.99 -11.61
C GLU A 244 -1.46 7.65 -10.92
N PRO A 245 -2.58 7.06 -11.28
CA PRO A 245 -2.99 5.84 -10.58
C PRO A 245 -2.22 4.58 -11.04
N VAL A 246 -2.16 3.56 -10.16
CA VAL A 246 -1.58 2.31 -10.50
C VAL A 246 -2.58 1.26 -9.95
N ALA A 247 -2.80 0.17 -10.69
CA ALA A 247 -3.82 -0.79 -10.37
C ALA A 247 -3.35 -2.21 -10.49
N LEU A 248 -4.00 -3.05 -9.70
CA LEU A 248 -3.88 -4.49 -9.79
C LEU A 248 -5.27 -5.13 -9.63
N GLU A 249 -5.40 -6.42 -9.92
CA GLU A 249 -6.62 -7.15 -9.64
C GLU A 249 -6.41 -8.04 -8.43
N TRP A 250 -7.41 -8.06 -7.51
CA TRP A 250 -7.32 -8.79 -6.27
C TRP A 250 -8.71 -9.32 -5.99
N GLU A 251 -8.82 -10.62 -5.95
CA GLU A 251 -10.10 -11.27 -5.58
C GLU A 251 -11.30 -10.70 -6.35
N GLY A 252 -11.11 -10.54 -7.65
CA GLY A 252 -12.18 -10.16 -8.54
C GLY A 252 -12.40 -8.69 -8.69
N LYS A 253 -11.59 -7.90 -8.02
CA LYS A 253 -11.79 -6.47 -8.05
C LYS A 253 -10.52 -5.81 -8.54
N LEU A 254 -10.67 -4.65 -9.18
CA LEU A 254 -9.52 -3.75 -9.38
C LEU A 254 -9.26 -2.95 -8.09
N ILE A 255 -8.01 -2.89 -7.70
CA ILE A 255 -7.55 -2.05 -6.59
C ILE A 255 -6.73 -0.97 -7.25
N ILE A 256 -7.23 0.27 -7.14
CA ILE A 256 -6.68 1.39 -7.87
C ILE A 256 -6.08 2.34 -6.83
N ASN A 257 -4.76 2.47 -6.88
CA ASN A 257 -3.95 3.15 -5.81
C ASN A 257 -3.47 4.44 -6.40
N THR A 258 -3.92 5.56 -5.83
CA THR A 258 -3.75 6.88 -6.44
C THR A 258 -2.78 7.79 -5.73
N ARG A 259 -2.10 8.62 -6.52
CA ARG A 259 -1.26 9.69 -6.01
C ARG A 259 -2.16 10.87 -5.69
N VAL A 260 -1.93 11.51 -4.53
CA VAL A 260 -2.59 12.77 -4.19
C VAL A 260 -1.50 13.69 -3.66
N ASP A 261 -1.13 14.69 -4.43
CA ASP A 261 -0.11 15.62 -3.99
C ASP A 261 -0.60 16.31 -2.72
N TYR A 262 0.25 16.41 -1.72
CA TYR A 262 -0.02 17.14 -0.49
C TYR A 262 -1.06 16.50 0.44
N ARG A 263 -1.35 15.22 0.19
CA ARG A 263 -2.33 14.47 0.98
C ARG A 263 -1.96 13.01 1.00
N ARG A 264 -2.67 12.25 1.83
CA ARG A 264 -2.50 10.81 1.88
C ARG A 264 -3.06 10.13 0.62
N ARG A 265 -2.43 9.06 0.17
CA ARG A 265 -2.90 8.34 -0.98
C ARG A 265 -4.26 7.65 -0.77
N LEU A 266 -5.19 7.92 -1.68
CA LEU A 266 -6.47 7.27 -1.71
C LEU A 266 -6.40 6.02 -2.57
N VAL A 267 -7.08 4.95 -2.09
CA VAL A 267 -7.15 3.69 -2.78
C VAL A 267 -8.60 3.34 -2.95
N TYR A 268 -8.96 2.83 -4.13
CA TYR A 268 -10.31 2.47 -4.45
C TYR A 268 -10.41 1.03 -4.90
N GLU A 269 -11.62 0.45 -4.77
CA GLU A 269 -11.91 -0.84 -5.36
C GLU A 269 -13.04 -0.67 -6.38
N SER A 270 -12.99 -1.49 -7.43
CA SER A 270 -14.05 -1.52 -8.43
C SER A 270 -14.23 -2.95 -8.92
N SER A 271 -15.45 -3.47 -8.79
CA SER A 271 -15.80 -4.84 -9.22
C SER A 271 -16.33 -4.90 -10.61
N ASP A 272 -16.46 -3.74 -11.26
CA ASP A 272 -17.20 -3.67 -12.51
C ASP A 272 -16.44 -2.84 -13.56
N MET A 273 -15.13 -3.06 -13.63
CA MET A 273 -14.31 -2.43 -14.67
C MET A 273 -14.41 -0.90 -14.64
N GLY A 274 -14.49 -0.36 -13.42
CA GLY A 274 -14.47 1.07 -13.20
C GLY A 274 -15.79 1.76 -13.31
N ASN A 275 -16.91 1.03 -13.47
CA ASN A 275 -18.23 1.68 -13.46
C ASN A 275 -18.56 2.22 -12.09
N THR A 276 -18.11 1.54 -11.03
N THR A 276 -18.13 1.51 -11.03
CA THR A 276 -18.37 2.00 -9.68
CA THR A 276 -18.41 1.88 -9.65
C THR A 276 -17.12 1.86 -8.83
C THR A 276 -17.05 1.91 -8.93
N TRP A 277 -16.80 2.96 -8.15
CA TRP A 277 -15.59 3.08 -7.36
C TRP A 277 -15.98 3.24 -5.91
N LEU A 278 -15.35 2.43 -5.07
N LEU A 278 -15.41 2.41 -5.05
CA LEU A 278 -15.57 2.48 -3.63
CA LEU A 278 -15.62 2.60 -3.60
C LEU A 278 -14.24 2.70 -2.92
C LEU A 278 -14.28 2.70 -2.91
N GLU A 279 -14.13 3.72 -2.08
CA GLU A 279 -12.86 3.92 -1.38
C GLU A 279 -12.59 2.72 -0.45
N ALA A 280 -11.38 2.19 -0.50
CA ALA A 280 -10.93 1.02 0.23
C ALA A 280 -10.58 1.38 1.69
N VAL A 281 -11.59 1.97 2.35
CA VAL A 281 -11.35 2.45 3.71
C VAL A 281 -10.98 1.36 4.75
N GLY A 282 -11.41 0.14 4.51
CA GLY A 282 -11.20 -0.93 5.46
C GLY A 282 -9.87 -1.66 5.28
N THR A 283 -9.06 -1.21 4.32
CA THR A 283 -7.82 -1.92 3.97
C THR A 283 -6.68 -1.01 3.71
N LEU A 284 -6.63 -0.42 2.52
CA LEU A 284 -5.42 0.29 2.11
C LEU A 284 -5.54 1.79 1.92
N SER A 285 -6.77 2.32 1.80
CA SER A 285 -6.87 3.74 1.59
C SER A 285 -6.36 4.53 2.75
N ARG A 286 -5.61 5.57 2.43
CA ARG A 286 -5.06 6.52 3.41
C ARG A 286 -3.94 5.95 4.27
N VAL A 287 -3.50 4.74 3.96
CA VAL A 287 -2.38 4.15 4.66
C VAL A 287 -1.06 4.88 4.35
N TRP A 288 -0.81 5.14 3.09
CA TRP A 288 0.50 5.65 2.68
C TRP A 288 0.52 7.13 2.48
N GLY A 289 1.41 7.79 3.21
CA GLY A 289 1.60 9.24 3.08
C GLY A 289 2.80 9.62 2.26
N PRO A 290 2.74 10.73 1.53
CA PRO A 290 3.82 11.07 0.59
C PRO A 290 5.07 11.70 1.22
N SER A 291 5.00 12.06 2.52
CA SER A 291 6.12 12.63 3.23
C SER A 291 5.80 12.52 4.70
N PRO A 292 6.74 12.80 5.60
CA PRO A 292 6.46 12.66 7.02
C PRO A 292 5.19 13.26 7.50
N LYS A 293 4.89 14.45 7.03
CA LYS A 293 3.67 15.14 7.39
C LYS A 293 2.59 15.13 6.35
N SER A 294 2.78 14.32 5.32
CA SER A 294 1.81 14.17 4.22
C SER A 294 1.38 15.51 3.64
N ASN A 295 2.37 16.38 3.42
CA ASN A 295 2.17 17.75 2.97
C ASN A 295 3.10 18.17 1.84
N GLN A 296 3.57 17.17 1.09
CA GLN A 296 4.47 17.36 -0.02
C GLN A 296 3.95 16.63 -1.22
N PRO A 297 4.52 16.87 -2.39
CA PRO A 297 4.13 16.10 -3.58
C PRO A 297 4.24 14.60 -3.38
N GLY A 298 3.36 13.90 -4.08
CA GLY A 298 3.35 12.47 -4.13
C GLY A 298 4.29 11.89 -5.20
N SER A 299 4.03 10.67 -5.60
CA SER A 299 4.92 9.94 -6.53
C SER A 299 4.15 8.87 -7.29
N GLN A 300 4.77 8.48 -8.39
CA GLN A 300 4.49 7.21 -9.06
C GLN A 300 4.89 6.09 -8.09
N SER A 301 4.17 4.97 -8.15
CA SER A 301 4.36 3.83 -7.32
C SER A 301 4.26 2.53 -8.14
N SER A 302 5.12 1.55 -7.83
CA SER A 302 4.92 0.18 -8.30
C SER A 302 3.90 -0.49 -7.39
N PHE A 303 2.92 -1.17 -8.00
CA PHE A 303 1.88 -1.83 -7.18
C PHE A 303 1.44 -3.04 -7.98
N THR A 304 1.89 -4.20 -7.52
CA THR A 304 1.67 -5.45 -8.25
C THR A 304 1.17 -6.54 -7.32
N ALA A 305 0.41 -7.47 -7.91
CA ALA A 305 0.03 -8.69 -7.27
C ALA A 305 0.90 -9.82 -7.82
N VAL A 306 1.44 -10.62 -6.90
CA VAL A 306 2.35 -11.72 -7.20
C VAL A 306 2.00 -12.89 -6.30
N THR A 307 2.50 -14.06 -6.65
CA THR A 307 2.30 -15.23 -5.81
C THR A 307 3.69 -15.71 -5.40
N ILE A 308 3.93 -15.70 -4.09
CA ILE A 308 5.17 -16.11 -3.52
C ILE A 308 4.97 -17.25 -2.58
N GLU A 309 5.64 -18.35 -2.87
CA GLU A 309 5.45 -19.58 -2.13
C GLU A 309 3.99 -19.92 -1.88
N GLY A 310 3.22 -19.79 -2.95
CA GLY A 310 1.83 -20.19 -2.90
C GLY A 310 0.86 -19.16 -2.37
N MET A 311 1.34 -18.02 -1.88
N MET A 311 1.36 -18.00 -1.96
CA MET A 311 0.44 -17.00 -1.34
CA MET A 311 0.50 -16.99 -1.37
C MET A 311 0.39 -15.80 -2.28
C MET A 311 0.41 -15.77 -2.28
N ARG A 312 -0.82 -15.41 -2.66
CA ARG A 312 -1.06 -14.16 -3.40
C ARG A 312 -0.89 -12.98 -2.44
N VAL A 313 -0.06 -12.03 -2.84
CA VAL A 313 0.19 -10.82 -2.12
C VAL A 313 0.42 -9.64 -3.04
N MET A 314 0.46 -8.47 -2.45
CA MET A 314 0.73 -7.23 -3.17
C MET A 314 2.03 -6.62 -2.72
N LEU A 315 2.77 -6.07 -3.68
CA LEU A 315 4.01 -5.35 -3.36
C LEU A 315 3.81 -3.86 -3.84
N PHE A 316 4.16 -2.94 -2.96
CA PHE A 316 3.99 -1.50 -3.18
C PHE A 316 5.26 -0.76 -2.87
N THR A 317 5.62 0.18 -3.74
CA THR A 317 6.73 1.07 -3.45
C THR A 317 6.31 2.54 -3.45
N HIS A 318 7.00 3.33 -2.63
CA HIS A 318 6.85 4.80 -2.65
C HIS A 318 8.00 5.41 -1.86
N PRO A 319 8.53 6.56 -2.32
CA PRO A 319 9.59 7.24 -1.52
C PRO A 319 9.01 7.81 -0.23
N LEU A 320 9.84 7.84 0.80
CA LEU A 320 9.41 8.51 2.03
C LEU A 320 9.52 10.03 1.97
N ASN A 321 10.42 10.59 1.18
CA ASN A 321 10.43 12.02 0.92
C ASN A 321 10.65 12.82 2.18
N PHE A 322 11.66 12.40 2.95
CA PHE A 322 12.04 13.24 4.11
C PHE A 322 12.47 14.67 3.69
N LYS A 323 13.12 14.80 2.54
CA LYS A 323 13.63 16.07 2.08
C LYS A 323 12.58 17.01 1.61
N GLY A 324 11.46 16.50 1.13
CA GLY A 324 10.39 17.34 0.64
C GLY A 324 10.49 17.74 -0.81
N ARG A 325 9.46 18.49 -1.21
CA ARG A 325 9.22 18.87 -2.58
C ARG A 325 9.26 17.59 -3.41
N TRP A 326 9.93 17.57 -4.55
CA TRP A 326 9.95 16.40 -5.40
C TRP A 326 11.22 15.59 -5.22
N LEU A 327 12.07 15.93 -4.23
CA LEU A 327 13.31 15.17 -4.12
C LEU A 327 13.05 13.67 -3.88
N ARG A 328 12.18 13.35 -2.92
CA ARG A 328 11.65 12.00 -2.82
C ARG A 328 12.73 10.96 -2.65
N ASP A 329 13.50 11.20 -1.58
CA ASP A 329 14.47 10.24 -1.05
C ASP A 329 13.73 9.02 -0.45
N ARG A 330 14.51 7.99 -0.22
CA ARG A 330 14.15 6.85 0.59
C ARG A 330 12.99 6.02 0.03
N LEU A 331 13.25 5.43 -1.13
CA LEU A 331 12.31 4.50 -1.75
C LEU A 331 12.11 3.30 -0.83
N ASN A 332 10.85 3.07 -0.40
CA ASN A 332 10.50 1.95 0.46
C ASN A 332 9.57 0.97 -0.23
N LEU A 333 9.73 -0.29 0.17
CA LEU A 333 8.94 -1.44 -0.31
C LEU A 333 8.08 -1.99 0.79
N TRP A 334 6.82 -2.26 0.43
CA TRP A 334 5.80 -2.73 1.32
C TRP A 334 5.21 -4.01 0.78
N LEU A 335 4.78 -4.84 1.72
CA LEU A 335 4.16 -6.17 1.42
C LEU A 335 2.79 -6.22 2.09
N THR A 336 1.72 -6.62 1.40
CA THR A 336 0.47 -6.77 2.10
C THR A 336 -0.32 -7.90 1.50
N ASP A 337 -1.08 -8.57 2.34
CA ASP A 337 -2.11 -9.53 1.94
C ASP A 337 -3.52 -8.97 1.98
N ASN A 338 -3.62 -7.65 1.89
CA ASN A 338 -4.89 -6.96 2.03
C ASN A 338 -5.47 -6.96 3.43
N GLN A 339 -4.65 -7.32 4.41
CA GLN A 339 -4.99 -7.31 5.82
C GLN A 339 -3.84 -6.67 6.61
N ARG A 340 -2.70 -7.38 6.63
CA ARG A 340 -1.48 -6.94 7.26
C ARG A 340 -0.65 -6.15 6.26
N ILE A 341 0.12 -5.18 6.76
CA ILE A 341 0.89 -4.32 5.92
C ILE A 341 2.28 -4.20 6.53
N TYR A 342 3.26 -4.76 5.84
CA TYR A 342 4.61 -4.96 6.32
C TYR A 342 5.57 -4.06 5.56
N ASN A 343 6.42 -3.31 6.27
CA ASN A 343 7.47 -2.52 5.67
C ASN A 343 8.70 -3.38 5.46
N VAL A 344 8.93 -3.76 4.20
CA VAL A 344 10.08 -4.61 3.87
C VAL A 344 11.38 -3.82 4.12
N GLY A 345 11.35 -2.54 3.73
CA GLY A 345 12.42 -1.61 4.04
C GLY A 345 12.77 -0.73 2.87
N GLN A 346 13.93 -0.10 2.98
CA GLN A 346 14.40 0.91 2.03
C GLN A 346 15.18 0.19 0.90
N VAL A 347 14.67 0.37 -0.32
CA VAL A 347 15.28 -0.24 -1.51
C VAL A 347 16.45 0.67 -1.98
N SER A 348 16.26 1.98 -1.91
CA SER A 348 17.29 2.92 -2.34
C SER A 348 18.40 2.92 -1.29
N ILE A 349 19.48 3.65 -1.54
CA ILE A 349 20.65 3.60 -0.68
C ILE A 349 20.87 4.96 -0.04
N GLY A 350 21.02 4.97 1.28
CA GLY A 350 21.26 6.18 2.00
C GLY A 350 20.18 7.22 1.82
N ASP A 351 20.61 8.44 1.65
CA ASP A 351 19.66 9.55 1.50
C ASP A 351 19.51 9.99 0.05
N GLU A 352 19.85 9.14 -0.92
CA GLU A 352 19.75 9.56 -2.30
C GLU A 352 18.30 9.81 -2.65
N ASN A 353 18.10 10.69 -3.65
CA ASN A 353 16.78 11.00 -4.18
C ASN A 353 16.37 9.87 -5.13
N SER A 354 15.17 9.33 -4.93
CA SER A 354 14.79 8.09 -5.57
C SER A 354 13.27 7.95 -5.67
N ALA A 355 12.69 8.61 -6.68
CA ALA A 355 11.24 8.78 -6.71
C ALA A 355 10.52 7.61 -7.42
N TYR A 356 10.62 7.50 -8.75
CA TYR A 356 9.81 6.55 -9.48
C TYR A 356 10.50 5.16 -9.51
N SER A 357 9.71 4.09 -9.61
CA SER A 357 10.21 2.75 -9.41
C SER A 357 9.34 1.69 -10.04
N SER A 358 9.93 0.51 -10.23
CA SER A 358 9.19 -0.63 -10.79
C SER A 358 9.79 -1.91 -10.24
N VAL A 359 8.92 -2.73 -9.64
CA VAL A 359 9.35 -3.97 -9.03
C VAL A 359 8.85 -5.14 -9.84
N LEU A 360 9.75 -6.09 -10.12
CA LEU A 360 9.41 -7.28 -10.91
C LEU A 360 9.75 -8.52 -10.14
N TYR A 361 8.85 -9.50 -10.16
CA TYR A 361 9.05 -10.83 -9.59
C TYR A 361 9.01 -11.81 -10.71
N LYS A 362 10.15 -12.43 -11.01
CA LYS A 362 10.32 -13.31 -12.17
C LYS A 362 11.12 -14.50 -11.82
N ASP A 363 10.57 -15.68 -12.05
CA ASP A 363 11.29 -16.94 -11.81
C ASP A 363 11.88 -16.99 -10.38
N ASP A 364 11.01 -16.61 -9.43
CA ASP A 364 11.35 -16.60 -8.01
C ASP A 364 12.58 -15.77 -7.70
N LYS A 365 12.72 -14.68 -8.46
CA LYS A 365 13.75 -13.64 -8.13
C LYS A 365 13.09 -12.28 -8.16
N LEU A 366 13.52 -11.37 -7.28
CA LEU A 366 12.88 -10.03 -7.14
C LEU A 366 13.87 -8.97 -7.63
N TYR A 367 13.36 -8.01 -8.40
CA TYR A 367 14.16 -6.99 -9.02
C TYR A 367 13.47 -5.63 -8.88
N CYS A 368 14.26 -4.56 -8.92
CA CYS A 368 13.69 -3.23 -8.94
C CYS A 368 14.50 -2.35 -9.85
N LEU A 369 13.80 -1.68 -10.78
CA LEU A 369 14.42 -0.63 -11.59
C LEU A 369 13.85 0.68 -11.01
N HIS A 370 14.71 1.59 -10.58
CA HIS A 370 14.28 2.83 -10.02
C HIS A 370 15.18 4.00 -10.29
N GLU A 371 14.62 5.20 -10.09
CA GLU A 371 15.37 6.42 -10.33
C GLU A 371 16.36 6.69 -9.21
N ILE A 372 17.46 7.34 -9.57
CA ILE A 372 18.32 8.07 -8.66
C ILE A 372 18.55 9.43 -9.29
N ASN A 373 18.45 10.47 -8.47
CA ASN A 373 18.50 11.86 -8.91
C ASN A 373 19.53 12.66 -8.12
N SER A 374 20.55 13.14 -8.83
CA SER A 374 21.46 14.12 -8.22
C SER A 374 21.43 15.36 -9.07
N ASN A 375 21.11 16.51 -8.46
CA ASN A 375 21.06 17.77 -9.19
C ASN A 375 20.16 17.76 -10.44
N GLU A 376 19.04 17.04 -10.34
CA GLU A 376 18.12 16.91 -11.44
C GLU A 376 18.69 16.29 -12.69
N VAL A 377 19.61 15.36 -12.46
CA VAL A 377 20.14 14.49 -13.49
C VAL A 377 19.81 13.06 -13.00
N TYR A 378 19.06 12.33 -13.85
CA TYR A 378 18.47 11.10 -13.42
C TYR A 378 19.06 9.88 -14.10
N SER A 379 19.35 8.85 -13.31
CA SER A 379 19.72 7.52 -13.82
C SER A 379 18.65 6.51 -13.36
N LEU A 380 18.63 5.35 -13.99
CA LEU A 380 17.90 4.19 -13.46
C LEU A 380 18.85 3.13 -13.08
N VAL A 381 18.73 2.71 -11.84
CA VAL A 381 19.47 1.57 -11.32
C VAL A 381 18.60 0.32 -11.39
N PHE A 382 19.29 -0.81 -11.55
CA PHE A 382 18.67 -2.11 -11.68
C PHE A 382 19.21 -2.92 -10.52
N ALA A 383 18.34 -3.19 -9.54
CA ALA A 383 18.71 -3.81 -8.28
C ALA A 383 18.14 -5.22 -8.22
N ARG A 384 18.97 -6.13 -7.75
CA ARG A 384 18.62 -7.52 -7.47
C ARG A 384 18.25 -7.60 -5.99
N LEU A 385 16.95 -7.75 -5.73
CA LEU A 385 16.42 -7.68 -4.36
C LEU A 385 16.42 -9.05 -3.68
N VAL A 386 17.62 -9.56 -3.47
CA VAL A 386 17.86 -10.83 -2.86
C VAL A 386 17.48 -10.80 -1.39
N GLY A 387 17.97 -9.79 -0.68
CA GLY A 387 17.65 -9.67 0.73
C GLY A 387 16.16 -9.44 0.99
N GLU A 388 15.59 -8.55 0.21
CA GLU A 388 14.17 -8.23 0.36
C GLU A 388 13.30 -9.46 0.11
N LEU A 389 13.63 -10.29 -0.88
CA LEU A 389 12.83 -11.51 -1.08
C LEU A 389 12.93 -12.45 0.11
N ARG A 390 14.13 -12.57 0.68
CA ARG A 390 14.31 -13.42 1.83
C ARG A 390 13.39 -12.94 3.00
N ILE A 391 13.41 -11.62 3.22
CA ILE A 391 12.59 -11.04 4.28
C ILE A 391 11.11 -11.32 4.00
N ILE A 392 10.68 -11.07 2.76
CA ILE A 392 9.27 -11.27 2.37
C ILE A 392 8.87 -12.72 2.60
N LYS A 393 9.72 -13.67 2.19
CA LYS A 393 9.35 -15.08 2.37
C LYS A 393 9.20 -15.45 3.84
N SER A 394 10.08 -14.88 4.68
CA SER A 394 10.03 -15.12 6.14
C SER A 394 8.73 -14.61 6.74
N VAL A 395 8.38 -13.36 6.41
CA VAL A 395 7.12 -12.75 6.91
C VAL A 395 5.90 -13.53 6.42
N LEU A 396 5.86 -13.89 5.15
CA LEU A 396 4.75 -14.66 4.65
C LEU A 396 4.65 -16.01 5.36
N GLN A 397 5.79 -16.64 5.67
CA GLN A 397 5.75 -17.89 6.40
C GLN A 397 5.17 -17.67 7.78
N SER A 398 5.52 -16.57 8.43
CA SER A 398 4.91 -16.26 9.70
C SER A 398 3.39 -16.08 9.59
N TRP A 399 2.97 -15.28 8.63
CA TRP A 399 1.51 -15.08 8.43
C TRP A 399 0.77 -16.42 8.23
N LYS A 400 1.27 -17.23 7.30
N LYS A 400 1.25 -17.26 7.34
CA LYS A 400 0.70 -18.55 6.98
CA LYS A 400 0.51 -18.49 7.05
C LYS A 400 0.63 -19.42 8.21
C LYS A 400 0.63 -19.49 8.19
N ASN A 401 1.73 -19.47 8.95
CA ASN A 401 1.85 -20.33 10.10
C ASN A 401 0.90 -19.95 11.23
N TRP A 402 0.81 -18.65 11.56
CA TRP A 402 -0.08 -18.22 12.61
C TRP A 402 -1.53 -18.43 12.19
N ASP A 403 -1.86 -18.12 10.95
CA ASP A 403 -3.22 -18.37 10.46
C ASP A 403 -3.58 -19.83 10.53
N SER A 404 -2.66 -20.68 10.10
N SER A 404 -2.66 -20.68 10.08
CA SER A 404 -2.95 -22.13 10.09
CA SER A 404 -2.87 -22.15 10.12
C SER A 404 -3.04 -22.71 11.51
C SER A 404 -3.12 -22.60 11.54
N HIS A 405 -2.22 -22.20 12.40
CA HIS A 405 -2.32 -22.54 13.78
C HIS A 405 -3.62 -22.16 14.45
N LEU A 406 -3.99 -20.90 14.36
CA LEU A 406 -5.28 -20.47 14.90
C LEU A 406 -6.49 -21.23 14.30
N SER A 407 -6.46 -21.46 13.00
N SER A 407 -6.47 -21.37 12.99
CA SER A 407 -7.55 -22.19 12.31
CA SER A 407 -7.63 -21.91 12.25
C SER A 407 -7.58 -23.69 12.67
C SER A 407 -7.76 -23.43 12.44
N SER A 408 -6.42 -24.21 13.03
N SER A 408 -6.71 -24.06 13.00
CA SER A 408 -6.36 -25.62 13.33
CA SER A 408 -6.63 -25.50 13.26
C SER A 408 -6.95 -25.95 14.71
C SER A 408 -6.85 -25.92 14.72
N ILE A 409 -7.04 -24.96 15.62
CA ILE A 409 -7.43 -25.26 16.99
C ILE A 409 -8.82 -25.89 16.98
N CYS A 410 -8.99 -26.97 17.72
CA CYS A 410 -10.30 -27.56 17.94
C CYS A 410 -10.96 -26.83 19.09
N THR A 411 -11.88 -25.92 18.76
CA THR A 411 -12.49 -25.06 19.78
C THR A 411 -13.57 -25.85 20.51
N PRO A 412 -13.86 -25.44 21.75
CA PRO A 412 -14.82 -26.17 22.57
C PRO A 412 -16.16 -26.27 21.91
N ALA A 413 -16.74 -27.48 21.97
CA ALA A 413 -18.12 -27.68 21.48
C ALA A 413 -19.04 -26.74 22.27
N GLY A 423 -17.38 -33.06 18.97
CA GLY A 423 -16.11 -32.82 18.26
C GLY A 423 -15.51 -31.45 18.55
N CYS A 424 -15.58 -30.56 17.60
CA CYS A 424 -14.94 -29.24 17.73
C CYS A 424 -15.97 -28.22 17.36
N GLY A 425 -15.88 -27.06 17.97
CA GLY A 425 -16.75 -25.96 17.61
C GLY A 425 -16.27 -25.24 16.34
N PRO A 426 -16.89 -24.11 16.05
CA PRO A 426 -16.50 -23.31 14.89
C PRO A 426 -15.03 -22.94 15.05
N ALA A 427 -14.35 -22.84 13.93
CA ALA A 427 -12.96 -22.42 13.92
C ALA A 427 -12.80 -20.98 14.41
N VAL A 428 -11.70 -20.71 15.10
CA VAL A 428 -11.26 -19.33 15.35
C VAL A 428 -11.12 -18.59 14.01
N THR A 429 -11.69 -17.39 13.88
CA THR A 429 -11.58 -16.72 12.61
C THR A 429 -10.24 -15.99 12.46
N THR A 430 -9.61 -16.15 11.30
CA THR A 430 -8.43 -15.37 10.94
C THR A 430 -8.72 -14.41 9.84
N VAL A 431 -9.97 -14.33 9.39
CA VAL A 431 -10.33 -13.38 8.35
C VAL A 431 -10.37 -11.98 8.91
N GLY A 432 -9.51 -11.11 8.38
CA GLY A 432 -9.37 -9.76 8.89
C GLY A 432 -8.54 -9.60 10.15
N LEU A 433 -7.84 -10.65 10.59
CA LEU A 433 -6.99 -10.60 11.76
C LEU A 433 -5.70 -9.94 11.34
N VAL A 434 -5.50 -8.71 11.79
CA VAL A 434 -4.36 -7.92 11.37
C VAL A 434 -3.15 -7.94 12.31
N GLY A 435 -3.41 -8.00 13.62
CA GLY A 435 -2.37 -7.92 14.61
C GLY A 435 -2.68 -8.80 15.79
N PHE A 436 -1.63 -9.22 16.48
CA PHE A 436 -1.79 -10.16 17.58
C PHE A 436 -0.63 -9.99 18.54
N LEU A 437 -0.92 -9.54 19.76
CA LEU A 437 0.07 -9.37 20.82
C LEU A 437 -0.10 -10.48 21.83
N SER A 438 0.95 -11.28 22.00
CA SER A 438 0.83 -12.53 22.79
C SER A 438 2.12 -12.73 23.62
N HIS A 439 2.77 -13.89 23.51
CA HIS A 439 3.85 -14.21 24.40
C HIS A 439 5.14 -13.41 24.20
N SER A 440 5.45 -13.02 22.96
N SER A 440 5.47 -13.05 22.96
CA SER A 440 6.74 -12.42 22.63
CA SER A 440 6.76 -12.45 22.69
C SER A 440 6.79 -10.95 23.01
C SER A 440 6.77 -10.98 23.07
N ALA A 441 7.79 -10.57 23.82
CA ALA A 441 7.96 -9.18 24.20
C ALA A 441 9.46 -8.89 24.50
N THR A 442 9.95 -7.74 24.08
CA THR A 442 11.31 -7.26 24.44
C THR A 442 11.16 -6.35 25.60
N LYS A 443 12.23 -5.69 26.05
CA LYS A 443 12.08 -4.93 27.27
C LYS A 443 11.12 -3.75 27.11
N THR A 444 11.05 -3.21 25.88
CA THR A 444 10.27 -1.99 25.64
C THR A 444 9.16 -2.19 24.62
N GLU A 445 9.03 -3.39 24.04
CA GLU A 445 7.98 -3.65 23.04
C GLU A 445 7.26 -4.95 23.23
N TRP A 446 5.96 -4.95 22.91
CA TRP A 446 5.13 -6.13 22.87
C TRP A 446 5.03 -6.47 21.37
N GLU A 447 5.49 -7.66 21.00
CA GLU A 447 5.68 -7.98 19.58
C GLU A 447 4.45 -8.51 18.86
N ASP A 448 4.17 -7.90 17.69
CA ASP A 448 3.14 -8.41 16.83
C ASP A 448 3.54 -9.75 16.28
N ALA A 449 2.70 -10.76 16.49
CA ALA A 449 2.96 -12.05 15.88
C ALA A 449 2.99 -11.95 14.37
N TYR A 450 2.24 -11.01 13.81
CA TYR A 450 2.21 -10.78 12.36
C TYR A 450 3.30 -9.84 11.88
N ARG A 451 4.15 -9.38 12.82
CA ARG A 451 5.42 -8.74 12.49
C ARG A 451 5.33 -7.38 11.84
N CYS A 452 4.16 -6.75 11.92
CA CYS A 452 3.94 -5.46 11.28
C CYS A 452 4.01 -4.24 12.23
N VAL A 453 3.32 -4.32 13.37
CA VAL A 453 3.23 -3.19 14.29
C VAL A 453 3.34 -3.65 15.70
N ASN A 454 4.49 -3.40 16.34
CA ASN A 454 4.61 -3.72 17.75
C ASN A 454 3.93 -2.63 18.61
N ALA A 455 3.66 -2.97 19.85
CA ALA A 455 3.22 -1.97 20.83
C ALA A 455 4.38 -1.57 21.73
N SER A 456 4.48 -0.27 22.00
CA SER A 456 5.46 0.17 22.99
C SER A 456 4.91 -0.15 24.40
N THR A 457 5.82 -0.42 25.34
CA THR A 457 5.42 -0.70 26.70
C THR A 457 6.20 0.11 27.73
N ALA A 458 5.57 0.17 28.88
CA ALA A 458 6.21 0.73 30.08
C ALA A 458 5.71 -0.03 31.30
N ASN A 459 6.65 -0.22 32.22
CA ASN A 459 6.39 -0.86 33.46
C ASN A 459 5.73 -2.21 33.29
N ALA A 460 6.27 -2.99 32.35
CA ALA A 460 5.67 -4.27 32.07
C ALA A 460 6.59 -5.41 32.49
N GLU A 461 5.96 -6.46 32.93
CA GLU A 461 6.60 -7.71 33.28
C GLU A 461 6.05 -8.82 32.38
N ARG A 462 6.93 -9.66 31.82
CA ARG A 462 6.49 -10.72 30.95
C ARG A 462 5.80 -11.83 31.70
N VAL A 463 4.63 -12.27 31.21
CA VAL A 463 3.90 -13.42 31.74
C VAL A 463 3.49 -14.31 30.57
N PRO A 464 3.02 -15.54 30.80
CA PRO A 464 2.60 -16.34 29.65
C PRO A 464 1.58 -15.62 28.79
N ASN A 465 1.91 -15.51 27.50
CA ASN A 465 1.06 -14.92 26.51
C ASN A 465 0.66 -13.47 26.74
N GLY A 466 1.44 -12.73 27.49
CA GLY A 466 1.16 -11.34 27.62
C GLY A 466 2.06 -10.64 28.62
N LEU A 467 1.49 -9.57 29.18
CA LEU A 467 2.23 -8.63 30.04
C LEU A 467 1.41 -8.28 31.28
N LYS A 468 2.14 -8.10 32.37
CA LYS A 468 1.58 -7.61 33.64
C LYS A 468 2.10 -6.20 33.89
N PHE A 469 1.21 -5.26 34.13
CA PHE A 469 1.59 -3.84 34.18
C PHE A 469 1.29 -3.25 35.55
N ALA A 470 2.04 -2.20 35.92
CA ALA A 470 1.77 -1.43 37.16
C ALA A 470 2.36 -0.06 37.11
N GLY A 471 1.84 0.87 37.92
CA GLY A 471 2.50 2.17 38.12
C GLY A 471 2.05 3.24 37.13
N VAL A 472 2.20 4.51 37.51
CA VAL A 472 1.96 5.60 36.65
C VAL A 472 2.91 5.52 35.48
N GLY A 473 2.36 5.73 34.29
CA GLY A 473 3.12 5.60 33.09
C GLY A 473 3.01 4.19 32.49
N GLY A 474 2.40 3.26 33.20
CA GLY A 474 2.43 1.86 32.78
C GLY A 474 1.39 1.55 31.73
N GLY A 475 1.68 0.50 30.97
CA GLY A 475 0.74 0.05 29.90
C GLY A 475 1.43 -0.21 28.61
N ALA A 476 0.61 -0.42 27.58
CA ALA A 476 1.11 -0.58 26.21
C ALA A 476 0.33 0.32 25.29
N LEU A 477 1.02 0.80 24.28
CA LEU A 477 0.48 1.71 23.28
C LEU A 477 0.64 1.02 21.92
N TRP A 478 -0.48 0.70 21.26
CA TRP A 478 -0.43 0.10 19.94
C TRP A 478 -0.82 1.21 18.95
N PRO A 479 0.17 1.75 18.25
CA PRO A 479 -0.05 2.98 17.53
C PRO A 479 -1.01 2.81 16.32
N VAL A 480 -1.82 3.84 16.11
CA VAL A 480 -2.73 3.96 14.97
C VAL A 480 -2.22 5.19 14.23
N SER A 481 -2.76 6.39 14.43
CA SER A 481 -2.20 7.53 13.74
C SER A 481 -0.77 7.75 14.21
N GLN A 482 -0.47 7.30 15.41
CA GLN A 482 0.89 7.46 15.94
C GLN A 482 1.93 6.66 15.16
N GLN A 483 1.51 5.81 14.23
CA GLN A 483 2.42 5.19 13.33
C GLN A 483 3.14 6.19 12.43
N GLY A 484 2.55 7.38 12.28
CA GLY A 484 3.18 8.45 11.58
C GLY A 484 2.83 8.54 10.12
N GLN A 485 3.87 8.56 9.29
CA GLN A 485 3.70 8.76 7.86
C GLN A 485 2.79 7.69 7.23
N ASN A 486 3.06 6.44 7.58
CA ASN A 486 2.41 5.26 7.00
C ASN A 486 1.61 4.63 8.11
N GLN A 487 0.31 4.63 7.90
CA GLN A 487 -0.67 4.28 8.91
C GLN A 487 -1.41 3.02 8.55
N ARG A 488 -0.86 1.90 8.97
CA ARG A 488 -1.35 0.61 8.60
C ARG A 488 -2.68 0.26 9.21
N TYR A 489 -3.05 0.91 10.30
CA TYR A 489 -4.26 0.60 11.02
C TYR A 489 -5.35 1.67 10.80
N HIS A 490 -5.23 2.42 9.69
CA HIS A 490 -6.17 3.45 9.38
C HIS A 490 -7.57 2.90 9.28
N PHE A 491 -7.71 1.65 8.89
CA PHE A 491 -9.03 0.98 8.81
C PHE A 491 -9.83 1.09 10.09
N ALA A 492 -9.16 1.22 11.20
CA ALA A 492 -9.84 1.19 12.49
C ALA A 492 -10.82 2.37 12.67
N ASN A 493 -10.54 3.45 11.95
CA ASN A 493 -11.42 4.63 11.96
C ASN A 493 -12.78 4.31 11.39
N HIS A 494 -12.85 3.24 10.62
CA HIS A 494 -14.09 2.73 9.97
C HIS A 494 -14.73 1.52 10.64
N ALA A 495 -13.90 0.52 10.99
CA ALA A 495 -14.37 -0.61 11.75
C ALA A 495 -13.20 -1.36 12.34
N PHE A 496 -13.39 -1.90 13.52
CA PHE A 496 -12.40 -2.80 14.13
C PHE A 496 -13.08 -3.65 15.20
N THR A 497 -12.36 -4.72 15.55
CA THR A 497 -12.63 -5.51 16.76
C THR A 497 -11.28 -5.65 17.48
N LEU A 498 -11.27 -5.33 18.77
CA LEU A 498 -10.11 -5.47 19.61
C LEU A 498 -10.53 -6.43 20.74
N VAL A 499 -9.72 -7.47 20.94
CA VAL A 499 -10.04 -8.59 21.86
C VAL A 499 -8.89 -8.79 22.79
N ALA A 500 -9.16 -9.03 24.08
CA ALA A 500 -8.09 -9.37 25.01
C ALA A 500 -8.61 -10.12 26.23
N SER A 501 -7.72 -10.82 26.89
CA SER A 501 -8.03 -11.46 28.18
C SER A 501 -7.39 -10.61 29.24
N VAL A 502 -8.11 -10.33 30.34
CA VAL A 502 -7.64 -9.38 31.36
C VAL A 502 -7.84 -9.92 32.76
N THR A 503 -6.94 -9.49 33.68
CA THR A 503 -7.09 -9.79 35.09
C THR A 503 -6.71 -8.55 35.82
N ILE A 504 -7.52 -8.13 36.80
CA ILE A 504 -7.17 -6.95 37.63
C ILE A 504 -6.59 -7.40 38.98
N HIS A 505 -5.45 -6.84 39.37
CA HIS A 505 -4.71 -7.32 40.55
C HIS A 505 -4.92 -6.45 41.78
N GLU A 506 -5.34 -5.19 41.58
CA GLU A 506 -5.58 -4.29 42.72
C GLU A 506 -6.75 -3.41 42.45
N VAL A 507 -7.55 -3.13 43.50
CA VAL A 507 -8.66 -2.16 43.38
C VAL A 507 -8.04 -0.78 43.25
N PRO A 508 -8.51 -0.02 42.25
CA PRO A 508 -7.93 1.28 41.95
C PRO A 508 -8.47 2.33 42.90
N LYS A 509 -7.78 3.46 42.96
CA LYS A 509 -8.22 4.60 43.78
C LYS A 509 -9.39 5.32 43.13
N GLY A 510 -9.58 5.19 41.81
CA GLY A 510 -10.68 5.90 41.12
C GLY A 510 -11.44 5.11 40.05
N ALA A 511 -11.13 5.43 38.78
CA ALA A 511 -11.45 4.60 37.59
C ALA A 511 -10.13 4.52 36.81
N SER A 512 -9.76 3.31 36.35
CA SER A 512 -8.49 3.13 35.71
C SER A 512 -8.72 2.46 34.39
N PRO A 513 -7.86 2.75 33.43
CA PRO A 513 -8.05 2.13 32.11
C PRO A 513 -7.56 0.69 32.03
N LEU A 514 -8.27 -0.10 31.23
CA LEU A 514 -7.84 -1.44 30.84
C LEU A 514 -7.56 -1.64 29.37
N LEU A 515 -8.43 -1.11 28.51
CA LEU A 515 -8.30 -1.37 27.03
C LEU A 515 -9.15 -0.35 26.28
N GLY A 516 -8.65 0.18 25.18
CA GLY A 516 -9.49 1.07 24.40
C GLY A 516 -8.81 1.66 23.19
N ALA A 517 -9.61 2.36 22.39
CA ALA A 517 -9.16 3.16 21.27
C ALA A 517 -9.26 4.64 21.66
N SER A 518 -8.09 5.30 21.62
CA SER A 518 -7.98 6.72 21.99
C SER A 518 -7.99 7.60 20.75
N LEU A 519 -8.70 8.72 20.82
CA LEU A 519 -8.71 9.74 19.79
C LEU A 519 -7.55 10.68 19.91
N ASP A 520 -7.08 10.92 21.12
CA ASP A 520 -5.96 11.86 21.32
C ASP A 520 -4.74 11.10 21.80
N SER A 521 -3.63 11.78 21.94
N SER A 521 -3.68 11.86 21.95
CA SER A 521 -2.41 11.06 22.34
CA SER A 521 -2.38 11.30 22.31
C SER A 521 -2.42 10.63 23.80
C SER A 521 -2.31 10.81 23.74
N SER A 522 -3.16 11.35 24.64
CA SER A 522 -3.09 11.07 26.10
C SER A 522 -3.84 9.81 26.45
N GLY A 523 -4.96 9.55 25.76
CA GLY A 523 -5.92 8.55 26.15
C GLY A 523 -7.14 9.11 26.87
N GLY A 524 -7.11 10.41 27.20
CA GLY A 524 -8.16 11.08 27.89
C GLY A 524 -9.40 11.23 26.99
N LYS A 525 -9.18 11.35 25.69
CA LYS A 525 -10.25 11.54 24.78
C LYS A 525 -10.46 10.25 23.99
N LYS A 526 -11.46 9.46 24.39
CA LYS A 526 -11.62 8.11 23.91
C LYS A 526 -12.67 8.00 22.80
N LEU A 527 -12.42 7.10 21.85
CA LEU A 527 -13.43 6.62 20.98
C LEU A 527 -14.34 5.55 21.64
N LEU A 528 -13.65 4.52 22.13
CA LEU A 528 -14.33 3.36 22.75
C LEU A 528 -13.36 2.72 23.68
N GLY A 529 -13.77 2.53 24.93
CA GLY A 529 -12.89 1.92 25.89
C GLY A 529 -13.57 1.19 27.03
N LEU A 530 -12.77 0.49 27.81
CA LEU A 530 -13.21 -0.18 29.03
C LEU A 530 -12.26 0.20 30.15
N SER A 531 -12.84 0.79 31.20
CA SER A 531 -12.17 1.07 32.45
C SER A 531 -12.85 0.27 33.55
N TYR A 532 -12.25 0.32 34.73
CA TYR A 532 -12.74 -0.41 35.90
C TYR A 532 -12.57 0.52 37.12
N ASP A 533 -13.40 0.30 38.13
CA ASP A 533 -13.40 1.28 39.23
C ASP A 533 -13.31 0.72 40.64
N LYS A 534 -13.23 1.68 41.58
CA LYS A 534 -12.99 1.37 42.99
C LYS A 534 -14.19 0.64 43.62
N ARG A 535 -15.32 0.63 42.95
CA ARG A 535 -16.54 -0.08 43.40
C ARG A 535 -16.78 -1.41 42.72
N HIS A 536 -15.71 -1.97 42.16
CA HIS A 536 -15.80 -3.25 41.50
C HIS A 536 -16.76 -3.27 40.34
N GLN A 537 -16.86 -2.13 39.66
CA GLN A 537 -17.70 -2.10 38.47
C GLN A 537 -16.85 -1.80 37.22
N TRP A 538 -17.43 -2.16 36.11
CA TRP A 538 -16.86 -1.80 34.80
C TRP A 538 -17.35 -0.43 34.39
N GLN A 539 -16.49 0.30 33.69
CA GLN A 539 -16.85 1.61 33.11
C GLN A 539 -16.56 1.54 31.59
N PRO A 540 -17.53 1.10 30.80
CA PRO A 540 -17.40 1.19 29.36
C PRO A 540 -17.58 2.66 28.96
N ILE A 541 -16.76 3.12 28.01
CA ILE A 541 -16.75 4.54 27.61
C ILE A 541 -17.06 4.59 26.12
N TYR A 542 -18.16 5.27 25.79
CA TYR A 542 -18.61 5.45 24.44
C TYR A 542 -18.36 6.89 24.04
N GLY A 543 -17.31 7.13 23.29
CA GLY A 543 -16.95 8.48 22.87
C GLY A 543 -16.95 9.42 24.07
N SER A 544 -17.60 10.57 23.90
CA SER A 544 -17.60 11.57 24.99
C SER A 544 -18.90 11.55 25.79
N THR A 545 -19.69 10.50 25.59
CA THR A 545 -20.90 10.27 26.38
C THR A 545 -20.61 10.05 27.87
N PRO A 546 -21.47 10.59 28.71
CA PRO A 546 -21.31 10.37 30.14
C PRO A 546 -21.23 8.89 30.48
N VAL A 547 -20.33 8.55 31.41
CA VAL A 547 -19.99 7.18 31.70
C VAL A 547 -20.95 6.66 32.75
N THR A 548 -21.52 5.51 32.47
CA THR A 548 -22.34 4.80 33.45
C THR A 548 -21.64 3.48 33.83
N PRO A 549 -21.21 3.37 35.10
CA PRO A 549 -20.65 2.12 35.57
C PRO A 549 -21.69 1.03 35.48
N THR A 550 -21.24 -0.19 35.32
CA THR A 550 -22.15 -1.31 35.17
C THR A 550 -21.42 -2.62 35.44
N GLY A 551 -22.22 -3.62 35.80
CA GLY A 551 -21.73 -5.00 36.08
C GLY A 551 -20.88 -5.08 37.30
N SER A 552 -20.10 -6.15 37.40
CA SER A 552 -19.22 -6.34 38.54
C SER A 552 -18.11 -7.29 38.22
N TRP A 553 -16.96 -7.02 38.81
CA TRP A 553 -15.81 -7.87 38.62
C TRP A 553 -15.13 -8.16 39.95
N GLU A 554 -14.35 -9.22 39.93
CA GLU A 554 -13.66 -9.67 41.09
C GLU A 554 -12.14 -9.65 40.87
N MET A 555 -11.43 -9.18 41.89
CA MET A 555 -10.01 -9.13 41.83
C MET A 555 -9.48 -10.53 41.54
N GLY A 556 -8.41 -10.61 40.75
CA GLY A 556 -7.73 -11.87 40.42
C GLY A 556 -8.45 -12.82 39.47
N LYS A 557 -9.67 -12.50 39.07
CA LYS A 557 -10.39 -13.30 38.09
C LYS A 557 -10.13 -12.81 36.66
N ARG A 558 -10.00 -13.76 35.74
CA ARG A 558 -9.75 -13.47 34.34
C ARG A 558 -11.08 -13.27 33.57
N TYR A 559 -11.10 -12.21 32.77
CA TYR A 559 -12.25 -11.84 31.99
C TYR A 559 -11.84 -11.75 30.50
N HIS A 560 -12.76 -12.07 29.61
CA HIS A 560 -12.58 -11.86 28.18
C HIS A 560 -13.27 -10.58 27.74
N VAL A 561 -12.56 -9.73 27.02
CA VAL A 561 -13.05 -8.37 26.63
C VAL A 561 -13.05 -8.33 25.12
N VAL A 562 -14.19 -7.90 24.55
CA VAL A 562 -14.24 -7.52 23.14
C VAL A 562 -14.78 -6.11 23.01
N LEU A 563 -14.04 -5.26 22.26
CA LEU A 563 -14.54 -3.96 21.85
C LEU A 563 -14.78 -4.02 20.35
N THR A 564 -15.99 -3.71 19.91
CA THR A 564 -16.25 -3.60 18.46
C THR A 564 -16.73 -2.20 18.06
N MET A 565 -16.36 -1.77 16.86
CA MET A 565 -16.84 -0.48 16.36
C MET A 565 -17.10 -0.73 14.88
N ALA A 566 -18.31 -0.46 14.42
CA ALA A 566 -18.57 -0.38 13.00
C ALA A 566 -19.84 0.40 12.85
N ASN A 567 -20.06 0.99 11.69
CA ASN A 567 -21.30 1.79 11.47
C ASN A 567 -21.48 2.88 12.51
N LYS A 568 -20.35 3.42 12.97
CA LYS A 568 -20.28 4.49 13.96
C LYS A 568 -20.75 4.09 15.37
N ILE A 569 -20.97 2.80 15.57
CA ILE A 569 -21.50 2.27 16.84
C ILE A 569 -20.45 1.41 17.53
N GLY A 570 -20.33 1.61 18.84
CA GLY A 570 -19.41 0.87 19.70
C GLY A 570 -20.11 -0.05 20.69
N SER A 571 -19.56 -1.27 20.82
CA SER A 571 -19.98 -2.24 21.83
C SER A 571 -18.84 -2.76 22.65
N VAL A 572 -19.19 -3.16 23.87
CA VAL A 572 -18.26 -3.77 24.82
C VAL A 572 -18.87 -5.09 25.32
N TYR A 573 -18.11 -6.18 25.19
CA TYR A 573 -18.50 -7.50 25.65
C TYR A 573 -17.55 -7.94 26.73
N ILE A 574 -18.12 -8.51 27.80
CA ILE A 574 -17.33 -9.20 28.83
C ILE A 574 -17.83 -10.66 28.82
N ASP A 575 -16.85 -11.56 28.74
CA ASP A 575 -17.12 -13.00 28.67
C ASP A 575 -18.14 -13.36 27.63
N GLY A 576 -18.03 -12.68 26.48
CA GLY A 576 -18.84 -12.98 25.33
C GLY A 576 -20.21 -12.35 25.38
N GLU A 577 -20.48 -11.58 26.42
CA GLU A 577 -21.79 -10.92 26.49
C GLU A 577 -21.72 -9.42 26.55
N PRO A 578 -22.60 -8.71 25.83
CA PRO A 578 -22.55 -7.23 25.84
C PRO A 578 -22.91 -6.66 27.17
N LEU A 579 -22.17 -5.64 27.62
CA LEU A 579 -22.54 -4.95 28.79
C LEU A 579 -23.92 -4.31 28.54
N GLU A 580 -24.66 -4.12 29.64
CA GLU A 580 -25.96 -3.44 29.61
C GLU A 580 -25.75 -2.07 29.00
N GLY A 581 -26.63 -1.69 28.09
CA GLY A 581 -26.52 -0.35 27.48
C GLY A 581 -25.46 -0.17 26.40
N SER A 582 -24.87 -1.26 25.94
CA SER A 582 -23.83 -1.17 24.92
C SER A 582 -24.46 -0.89 23.57
N GLY A 583 -23.69 -0.72 22.50
CA GLY A 583 -24.29 -0.44 21.22
C GLY A 583 -24.67 1.04 21.13
N GLN A 584 -23.71 1.93 21.43
CA GLN A 584 -23.92 3.38 21.44
C GLN A 584 -23.14 4.05 20.33
N THR A 585 -23.63 5.18 19.84
CA THR A 585 -22.89 5.92 18.85
C THR A 585 -21.62 6.47 19.45
N VAL A 586 -20.50 6.25 18.79
CA VAL A 586 -19.23 6.80 19.25
C VAL A 586 -18.60 7.77 18.29
N VAL A 587 -19.20 7.94 17.12
CA VAL A 587 -18.71 8.90 16.12
C VAL A 587 -19.87 9.84 15.97
N PRO A 588 -19.76 11.04 16.53
CA PRO A 588 -20.88 11.90 16.74
C PRO A 588 -21.34 12.71 15.56
N ASP A 589 -20.53 12.89 14.51
CA ASP A 589 -20.88 13.97 13.54
C ASP A 589 -20.32 13.87 12.16
N GLU A 590 -20.11 12.68 11.65
CA GLU A 590 -19.81 12.60 10.20
C GLU A 590 -18.38 12.97 9.82
N ARG A 591 -17.65 13.67 10.68
CA ARG A 591 -16.20 13.65 10.56
C ARG A 591 -15.78 12.20 10.83
N THR A 592 -14.80 11.72 10.10
CA THR A 592 -14.22 10.42 10.36
C THR A 592 -13.28 10.54 11.53
N PRO A 593 -13.29 9.55 12.42
CA PRO A 593 -12.33 9.54 13.48
C PRO A 593 -10.91 9.47 12.96
N ASP A 594 -10.02 9.91 13.80
CA ASP A 594 -8.60 9.79 13.61
C ASP A 594 -8.00 9.21 14.92
N ILE A 595 -8.14 7.91 15.09
CA ILE A 595 -7.66 7.19 16.29
C ILE A 595 -6.14 7.34 16.38
N SER A 596 -5.70 7.74 17.55
CA SER A 596 -4.27 7.91 17.87
C SER A 596 -3.59 6.56 18.09
N HIS A 597 -4.25 5.74 18.87
CA HIS A 597 -3.70 4.47 19.33
C HIS A 597 -4.71 3.66 20.08
N PHE A 598 -4.44 2.35 20.19
CA PHE A 598 -5.10 1.52 21.18
C PHE A 598 -4.22 1.56 22.45
N TYR A 599 -4.84 1.68 23.59
CA TYR A 599 -4.09 1.57 24.86
C TYR A 599 -4.50 0.25 25.53
N VAL A 600 -3.53 -0.39 26.19
CA VAL A 600 -3.76 -1.73 26.74
C VAL A 600 -3.08 -1.79 28.09
N GLY A 601 -3.83 -2.11 29.12
CA GLY A 601 -3.15 -2.38 30.42
C GLY A 601 -2.75 -1.13 31.17
N GLY A 602 -3.31 0.01 30.77
CA GLY A 602 -2.93 1.34 31.25
C GLY A 602 -2.94 2.33 30.07
N TYR A 603 -2.53 3.57 30.29
CA TYR A 603 -2.37 4.55 29.20
C TYR A 603 -1.00 4.56 28.54
N LYS A 604 0.01 3.96 29.20
CA LYS A 604 1.44 4.14 28.84
C LYS A 604 1.79 5.66 28.71
N ARG A 605 1.27 6.43 29.62
CA ARG A 605 1.55 7.89 29.64
C ARG A 605 1.83 8.35 31.07
N SER A 606 3.09 8.76 31.35
CA SER A 606 3.40 9.23 32.69
C SER A 606 2.69 10.55 33.01
N GLY A 607 2.14 11.24 32.00
CA GLY A 607 1.35 12.47 32.26
C GLY A 607 0.00 12.16 32.88
N MET A 608 -0.46 10.92 32.78
CA MET A 608 -1.80 10.51 33.28
C MET A 608 -1.60 9.90 34.65
N PRO A 609 -2.47 10.23 35.59
CA PRO A 609 -2.21 9.85 37.00
C PRO A 609 -2.67 8.45 37.38
N THR A 610 -3.27 7.70 36.45
CA THR A 610 -3.83 6.39 36.79
C THR A 610 -2.73 5.35 37.00
N ASP A 611 -3.02 4.40 37.85
CA ASP A 611 -2.15 3.25 38.09
C ASP A 611 -3.01 2.01 37.83
N SER A 612 -2.80 1.40 36.68
CA SER A 612 -3.54 0.15 36.34
C SER A 612 -2.71 -1.10 36.67
N ARG A 613 -3.17 -1.87 37.65
CA ARG A 613 -2.42 -3.06 38.07
C ARG A 613 -3.12 -4.25 37.49
N VAL A 614 -2.70 -4.67 36.29
CA VAL A 614 -3.49 -5.62 35.53
C VAL A 614 -2.57 -6.47 34.68
N THR A 615 -3.07 -7.63 34.33
CA THR A 615 -2.44 -8.52 33.33
C THR A 615 -3.35 -8.64 32.09
N VAL A 616 -2.74 -8.46 30.91
CA VAL A 616 -3.44 -8.58 29.65
C VAL A 616 -2.72 -9.62 28.79
N ASN A 617 -3.50 -10.56 28.28
CA ASN A 617 -3.01 -11.58 27.38
C ASN A 617 -3.72 -11.61 26.02
N ASN A 618 -2.99 -11.98 24.98
CA ASN A 618 -3.61 -12.34 23.70
C ASN A 618 -4.54 -11.27 23.15
N VAL A 619 -3.92 -10.16 22.75
CA VAL A 619 -4.65 -9.03 22.19
C VAL A 619 -4.75 -9.21 20.66
N LEU A 620 -6.00 -9.34 20.18
CA LEU A 620 -6.27 -9.51 18.78
C LEU A 620 -6.88 -8.27 18.20
N LEU A 621 -6.43 -7.86 17.00
CA LEU A 621 -7.02 -6.74 16.28
C LEU A 621 -7.53 -7.21 14.92
N TYR A 622 -8.81 -6.97 14.66
CA TYR A 622 -9.42 -7.26 13.38
C TYR A 622 -9.90 -5.99 12.70
N ASN A 623 -9.93 -6.05 11.37
CA ASN A 623 -10.33 -4.89 10.54
C ASN A 623 -11.82 -4.85 10.18
N ARG A 624 -12.63 -5.50 11.03
CA ARG A 624 -14.07 -5.54 10.84
C ARG A 624 -14.71 -5.81 12.20
N GLN A 625 -16.03 -5.68 12.24
CA GLN A 625 -16.83 -6.01 13.42
C GLN A 625 -17.10 -7.50 13.35
N LEU A 626 -16.58 -8.25 14.31
CA LEU A 626 -16.82 -9.70 14.30
C LEU A 626 -18.27 -9.95 14.59
N ASN A 627 -18.79 -11.09 14.11
CA ASN A 627 -20.17 -11.47 14.40
C ASN A 627 -20.31 -12.23 15.71
N ALA A 628 -21.54 -12.58 16.07
CA ALA A 628 -21.78 -13.11 17.41
C ALA A 628 -21.12 -14.47 17.63
N GLU A 629 -21.18 -15.32 16.60
CA GLU A 629 -20.50 -16.63 16.60
C GLU A 629 -19.00 -16.47 16.80
N GLU A 630 -18.43 -15.55 16.06
CA GLU A 630 -16.98 -15.34 16.12
C GLU A 630 -16.54 -14.87 17.49
N ILE A 631 -17.31 -14.00 18.09
CA ILE A 631 -17.02 -13.50 19.45
C ILE A 631 -17.15 -14.62 20.49
N ARG A 632 -18.22 -15.41 20.39
CA ARG A 632 -18.40 -16.57 21.29
C ARG A 632 -17.23 -17.52 21.15
N THR A 633 -16.83 -17.84 19.92
CA THR A 633 -15.68 -18.73 19.70
C THR A 633 -14.37 -18.22 20.34
N LEU A 634 -14.10 -16.93 20.19
CA LEU A 634 -12.93 -16.35 20.82
C LEU A 634 -12.95 -16.46 22.34
N PHE A 635 -14.12 -16.18 22.89
CA PHE A 635 -14.28 -16.31 24.34
C PHE A 635 -14.02 -17.75 24.79
N LEU A 636 -14.65 -18.72 24.13
CA LEU A 636 -14.53 -20.12 24.51
C LEU A 636 -13.13 -20.66 24.29
N SER A 637 -12.42 -20.05 23.35
CA SER A 637 -11.09 -20.49 22.93
C SER A 637 -9.93 -19.71 23.54
N GLN A 638 -10.21 -18.83 24.49
CA GLN A 638 -9.18 -17.87 24.88
C GLN A 638 -7.93 -18.49 25.49
N ASP A 639 -8.05 -19.70 26.06
CA ASP A 639 -6.87 -20.36 26.61
C ASP A 639 -6.13 -21.24 25.65
N LEU A 640 -6.60 -21.27 24.39
CA LEU A 640 -6.01 -22.10 23.36
C LEU A 640 -5.19 -21.32 22.37
N ILE A 641 -5.33 -19.99 22.32
CA ILE A 641 -4.76 -19.22 21.18
C ILE A 641 -3.35 -18.65 21.32
N GLY A 642 -2.76 -18.70 22.49
CA GLY A 642 -1.48 -18.01 22.69
C GLY A 642 -0.33 -18.55 21.89
N THR A 643 0.70 -17.70 21.75
CA THR A 643 1.88 -18.11 21.02
C THR A 643 2.96 -18.79 21.88
N GLU A 644 2.76 -18.86 23.19
CA GLU A 644 3.77 -19.33 24.16
C GLU A 644 4.58 -20.53 23.76
N ALA A 645 3.90 -21.55 23.35
CA ALA A 645 4.61 -22.85 23.10
C ALA A 645 5.41 -22.88 21.82
N HIS A 646 5.24 -21.85 20.99
CA HIS A 646 5.97 -21.75 19.71
C HIS A 646 7.03 -20.68 19.61
N MET A 647 7.23 -19.90 20.68
CA MET A 647 7.86 -18.55 20.63
C MET A 647 6.94 -17.34 20.40
CL CL B . -15.00 20.91 -17.05
C1 FSI C . 7.00 13.21 -11.04
F1 FSI C . 7.55 14.00 -13.62
C2 FSI C . 6.28 12.62 -12.23
C3 FSI C . 7.06 12.75 -13.50
C4 FSI C . 6.17 12.53 -14.71
O4 FSI C . 6.90 12.70 -15.88
C5 FSI C . 5.01 13.57 -14.76
N5 FSI C . 4.27 13.48 -15.91
C6 FSI C . 4.26 13.19 -13.48
O6 FSI C . 5.08 13.36 -12.32
C7 FSI C . 2.95 13.96 -13.23
O7 FSI C . 3.23 15.24 -12.70
C8 FSI C . 1.99 13.15 -12.33
O8 FSI C . 1.55 12.02 -13.03
C9 FSI C . 0.80 13.97 -11.86
O9 FSI C . 0.04 14.33 -13.01
C10 FSI C . 3.98 14.51 -16.74
O10 FSI C . 4.24 15.70 -16.46
C11 FSI C . 3.27 14.23 -18.04
O1A FSI C . 6.32 13.62 -10.05
O1B FSI C . 8.24 13.28 -11.04
C1 GOL D . 4.21 17.45 -10.66
O1 GOL D . 4.77 16.17 -10.62
C2 GOL D . 2.94 17.46 -9.80
O2 GOL D . 3.31 17.32 -8.45
C3 GOL D . 2.14 18.76 -10.03
O3 GOL D . 2.80 19.91 -9.49
C1 GOL E . 8.07 16.39 -11.45
O1 GOL E . 7.02 17.07 -12.08
C2 GOL E . 9.40 17.06 -11.59
O2 GOL E . 9.19 18.43 -11.70
C3 GOL E . 10.37 16.75 -10.47
O3 GOL E . 11.05 17.95 -10.08
C1 GOL F . 25.69 5.36 -9.80
O1 GOL F . 25.86 6.71 -9.39
C2 GOL F . 25.54 4.51 -8.56
O2 GOL F . 24.72 5.14 -7.57
C3 GOL F . 24.94 3.17 -8.96
O3 GOL F . 24.96 2.25 -7.87
C1 IPA G . 0.23 16.10 33.40
C2 IPA G . -0.38 17.35 32.85
C3 IPA G . -1.84 17.20 33.37
O2 IPA G . -0.21 17.71 31.44
#